data_6PWK
#
_entry.id   6PWK
#
_cell.length_a   77.379
_cell.length_b   90.221
_cell.length_c   82.750
_cell.angle_alpha   90.000
_cell.angle_beta   115.490
_cell.angle_gamma   90.000
#
_symmetry.space_group_name_H-M   'P 1 21 1'
#
loop_
_entity.id
_entity.type
_entity.pdbx_description
1 polymer 'GGDEF and EAL domain-containing protein'
2 non-polymer "9,9'-[(2R,3R,3aS,5S,7aR,9R,10R,10aS,12S,14aR)-3,5,10,12-tetrahydroxy-5,12-dioxidooctahydro-2H,7H-difuro[3,2-d:3',2'-j][1,3,7,9,2,8]tetraoxadiphosphacyclododecine-2,9-diyl]bis(2-amino-1,9-dihydro-6H-purin-6-one)"
3 non-polymer 'MAGNESIUM ION'
4 water water
#
_entity_poly.entity_id   1
_entity_poly.type   'polypeptide(L)'
_entity_poly.pdbx_seq_one_letter_code
;KAFKAQAKEAQQLRERAYLDPVSHLGNRAYYMSQLSGWLSESGIGGVAILQAEFIKELYEEKGYEAGDGMVRELADRLKN
SITIKDISIARISTYEFGIIMPNMDETELKIVAESIITCVDDINPDPTGMAKANLSLGVVSNKRQSSTTTLLSLLDNALA
KAKSNPELNYGFISSDTDKIILGKQQWKTLVEEAIHNDWFTFRYQAANSSWGKTFHREVFSAFEKDGVRYTANQFLFALE
QLNASHIFDQYVIERVIQQLEKGELTDPLAINIAQGSISQPSFIRWISQTLSKHLSVANLLHFEIPEGCFVNEPHYTALF
CNAVRNAGADFGVDNYGRNFQSLDYINEFRPKYVKLDYLFTHHLDDERQKFTLTSISRTAHNLGITTIASRVETQTQLDF
LSEHFIEVFQGFIVDKAA
;
_entity_poly.pdbx_strand_id   A,B
#
# COMPACT_ATOMS: atom_id res chain seq x y z
N ALA A 2 -5.54 -11.25 -47.35
CA ALA A 2 -5.62 -11.84 -46.01
C ALA A 2 -4.26 -12.21 -45.47
N PHE A 3 -3.27 -12.34 -46.36
CA PHE A 3 -1.90 -12.58 -45.93
C PHE A 3 -1.40 -11.44 -45.07
N LYS A 4 -1.53 -10.21 -45.57
CA LYS A 4 -1.04 -9.04 -44.84
C LYS A 4 -1.71 -8.95 -43.47
N ALA A 5 -2.99 -9.32 -43.38
CA ALA A 5 -3.66 -9.37 -42.09
C ALA A 5 -2.95 -10.34 -41.15
N GLN A 6 -2.84 -11.61 -41.55
CA GLN A 6 -2.32 -12.64 -40.66
C GLN A 6 -0.87 -12.35 -40.24
N ALA A 7 -0.02 -12.02 -41.21
CA ALA A 7 1.40 -11.84 -40.92
C ALA A 7 1.63 -10.71 -39.94
N LYS A 8 0.98 -9.57 -40.13
CA LYS A 8 1.13 -8.46 -39.21
C LYS A 8 0.32 -8.65 -37.94
N GLU A 9 -0.84 -9.31 -38.03
CA GLU A 9 -1.57 -9.67 -36.82
C GLU A 9 -0.77 -10.63 -35.95
N ALA A 10 0.00 -11.52 -36.58
CA ALA A 10 0.82 -12.45 -35.83
C ALA A 10 1.87 -11.72 -35.00
N GLN A 11 2.51 -10.70 -35.58
CA GLN A 11 3.55 -9.99 -34.86
C GLN A 11 2.96 -9.15 -33.73
N GLN A 12 1.81 -8.52 -33.97
CA GLN A 12 1.18 -7.75 -32.90
C GLN A 12 0.67 -8.66 -31.79
N LEU A 13 0.14 -9.83 -32.15
CA LEU A 13 -0.22 -10.81 -31.14
C LEU A 13 1.01 -11.32 -30.39
N ARG A 14 2.10 -11.55 -31.13
CA ARG A 14 3.33 -12.01 -30.50
C ARG A 14 3.88 -10.95 -29.53
N GLU A 15 3.83 -9.68 -29.92
CA GLU A 15 4.34 -8.63 -29.04
C GLU A 15 3.39 -8.36 -27.89
N ARG A 16 2.08 -8.54 -28.10
CA ARG A 16 1.14 -8.37 -27.01
C ARG A 16 1.35 -9.45 -25.94
N ALA A 17 1.66 -10.67 -26.38
CA ALA A 17 1.78 -11.79 -25.44
C ALA A 17 3.12 -11.76 -24.69
N TYR A 18 4.20 -11.36 -25.36
CA TYR A 18 5.54 -11.54 -24.82
C TYR A 18 6.34 -10.26 -24.65
N LEU A 19 5.85 -9.10 -25.09
CA LEU A 19 6.60 -7.86 -25.00
C LEU A 19 5.94 -6.91 -24.01
N ASP A 20 6.73 -6.38 -23.09
CA ASP A 20 6.25 -5.37 -22.16
C ASP A 20 6.29 -4.00 -22.82
N PRO A 21 5.16 -3.29 -22.92
CA PRO A 21 5.15 -2.02 -23.68
C PRO A 21 6.05 -0.95 -23.09
N VAL A 22 6.22 -0.90 -21.77
CA VAL A 22 6.99 0.16 -21.14
C VAL A 22 8.48 0.00 -21.46
N SER A 23 9.06 -1.13 -21.06
CA SER A 23 10.49 -1.34 -21.22
C SER A 23 10.88 -1.71 -22.65
N HIS A 24 9.92 -2.11 -23.47
CA HIS A 24 10.19 -2.66 -24.81
C HIS A 24 11.14 -3.86 -24.73
N LEU A 25 11.11 -4.57 -23.60
CA LEU A 25 11.80 -5.83 -23.41
C LEU A 25 10.78 -6.95 -23.32
N GLY A 26 11.28 -8.18 -23.22
CA GLY A 26 10.38 -9.29 -22.96
C GLY A 26 9.69 -9.14 -21.62
N ASN A 27 8.44 -9.61 -21.55
CA ASN A 27 7.71 -9.56 -20.30
C ASN A 27 8.06 -10.79 -19.46
N ARG A 28 7.29 -11.01 -18.38
CA ARG A 28 7.58 -12.12 -17.49
C ARG A 28 7.34 -13.46 -18.19
N ALA A 29 6.26 -13.56 -18.96
CA ALA A 29 5.96 -14.81 -19.65
C ALA A 29 7.04 -15.15 -20.68
N TYR A 30 7.56 -14.13 -21.37
CA TYR A 30 8.70 -14.34 -22.26
C TYR A 30 9.89 -14.90 -21.51
N TYR A 31 10.14 -14.38 -20.30
CA TYR A 31 11.30 -14.81 -19.53
C TYR A 31 11.18 -16.27 -19.13
N MET A 32 10.01 -16.70 -18.68
CA MET A 32 9.82 -18.09 -18.27
C MET A 32 9.95 -19.03 -19.47
N SER A 33 9.47 -18.60 -20.64
CA SER A 33 9.61 -19.41 -21.84
C SER A 33 11.07 -19.57 -22.23
N GLN A 34 11.81 -18.45 -22.29
CA GLN A 34 13.23 -18.53 -22.60
C GLN A 34 14.00 -19.29 -21.53
N LEU A 35 13.58 -19.19 -20.27
CA LEU A 35 14.25 -19.89 -19.20
C LEU A 35 14.02 -21.39 -19.29
N SER A 36 12.78 -21.81 -19.56
CA SER A 36 12.46 -23.23 -19.61
C SER A 36 13.13 -23.91 -20.80
N GLY A 37 13.27 -23.21 -21.93
CA GLY A 37 13.94 -23.81 -23.07
C GLY A 37 15.44 -23.93 -22.88
N TRP A 38 16.04 -22.94 -22.21
CA TRP A 38 17.47 -23.00 -21.94
C TRP A 38 17.81 -24.13 -20.96
N LEU A 39 16.92 -24.39 -20.00
CA LEU A 39 17.17 -25.45 -19.02
C LEU A 39 17.07 -26.82 -19.66
N SER A 40 16.01 -27.05 -20.46
CA SER A 40 15.75 -28.38 -20.99
C SER A 40 16.80 -28.79 -22.01
N GLU A 41 17.36 -27.84 -22.75
CA GLU A 41 18.39 -28.18 -23.74
C GLU A 41 19.74 -28.43 -23.08
N SER A 42 20.30 -27.40 -22.44
CA SER A 42 21.64 -27.49 -21.89
C SER A 42 21.69 -27.16 -20.41
N GLY A 43 21.13 -26.01 -20.01
CA GLY A 43 21.27 -25.56 -18.64
C GLY A 43 22.66 -25.07 -18.29
N ILE A 44 23.54 -24.92 -19.27
CA ILE A 44 24.91 -24.46 -19.04
C ILE A 44 24.92 -22.94 -19.21
N GLY A 45 25.29 -22.24 -18.16
CA GLY A 45 25.35 -20.79 -18.20
C GLY A 45 24.92 -20.21 -16.87
N GLY A 46 24.53 -18.94 -16.89
CA GLY A 46 24.15 -18.24 -15.69
C GLY A 46 22.86 -17.45 -15.89
N VAL A 47 22.36 -16.93 -14.77
CA VAL A 47 21.11 -16.18 -14.74
C VAL A 47 21.26 -15.07 -13.72
N ALA A 48 20.62 -13.93 -14.00
CA ALA A 48 20.83 -12.73 -13.20
C ALA A 48 19.52 -11.95 -13.09
N ILE A 49 19.41 -11.18 -12.00
CA ILE A 49 18.26 -10.32 -11.76
C ILE A 49 18.77 -8.96 -11.29
N LEU A 50 18.21 -7.90 -11.85
CA LEU A 50 18.57 -6.53 -11.51
C LEU A 50 17.33 -5.79 -11.05
N GLN A 51 17.38 -5.24 -9.84
CA GLN A 51 16.26 -4.50 -9.28
C GLN A 51 16.60 -3.01 -9.24
N ALA A 52 15.71 -2.19 -9.82
CA ALA A 52 15.90 -0.75 -9.85
C ALA A 52 14.95 -0.12 -8.83
N GLU A 53 15.43 -0.06 -7.59
CA GLU A 53 14.64 0.57 -6.52
C GLU A 53 14.51 2.07 -6.74
N PHE A 54 15.50 2.68 -7.39
CA PHE A 54 15.44 4.12 -7.64
C PHE A 54 14.30 4.47 -8.61
N ILE A 55 13.93 3.53 -9.48
CA ILE A 55 12.75 3.75 -10.32
C ILE A 55 11.48 3.67 -9.48
N LYS A 56 11.46 2.80 -8.48
CA LYS A 56 10.33 2.73 -7.57
C LYS A 56 10.17 4.02 -6.79
N GLU A 57 11.28 4.62 -6.37
CA GLU A 57 11.21 5.91 -5.68
C GLU A 57 10.77 7.03 -6.62
N LEU A 58 11.06 6.89 -7.92
CA LEU A 58 10.72 7.95 -8.87
C LEU A 58 9.22 7.97 -9.16
N TYR A 59 8.54 6.82 -9.03
CA TYR A 59 7.18 6.70 -9.54
C TYR A 59 6.21 7.61 -8.79
N GLU A 60 6.22 7.58 -7.45
CA GLU A 60 5.33 8.48 -6.73
C GLU A 60 5.88 9.89 -6.65
N GLU A 61 7.20 10.04 -6.68
CA GLU A 61 7.79 11.37 -6.52
C GLU A 61 7.49 12.27 -7.71
N LYS A 62 7.68 11.77 -8.93
CA LYS A 62 7.53 12.56 -10.14
C LYS A 62 6.46 12.01 -11.08
N GLY A 63 5.60 11.12 -10.61
CA GLY A 63 4.57 10.54 -11.45
C GLY A 63 5.05 9.33 -12.22
N TYR A 64 4.17 8.82 -13.08
CA TYR A 64 4.48 7.65 -13.88
C TYR A 64 5.01 7.98 -15.27
N GLU A 65 4.76 9.20 -15.76
CA GLU A 65 5.37 9.61 -17.02
C GLU A 65 6.89 9.60 -16.91
N ALA A 66 7.42 10.13 -15.81
CA ALA A 66 8.86 10.07 -15.59
C ALA A 66 9.30 8.66 -15.20
N GLY A 67 8.45 7.91 -14.51
CA GLY A 67 8.81 6.56 -14.13
C GLY A 67 8.90 5.63 -15.33
N ASP A 68 7.91 5.71 -16.24
CA ASP A 68 7.96 4.89 -17.45
C ASP A 68 9.16 5.26 -18.32
N GLY A 69 9.46 6.54 -18.42
CA GLY A 69 10.62 6.97 -19.18
C GLY A 69 11.92 6.43 -18.63
N MET A 70 12.03 6.30 -17.30
CA MET A 70 13.24 5.76 -16.70
C MET A 70 13.33 4.25 -16.92
N VAL A 71 12.19 3.56 -16.89
CA VAL A 71 12.17 2.13 -17.20
C VAL A 71 12.65 1.91 -18.62
N ARG A 72 12.15 2.71 -19.56
CA ARG A 72 12.60 2.60 -20.95
C ARG A 72 14.08 2.94 -21.07
N GLU A 73 14.53 4.00 -20.38
CA GLU A 73 15.94 4.37 -20.43
C GLU A 73 16.83 3.25 -19.93
N LEU A 74 16.55 2.74 -18.72
CA LEU A 74 17.33 1.62 -18.19
C LEU A 74 17.24 0.43 -19.13
N ALA A 75 16.07 0.17 -19.70
CA ALA A 75 15.92 -0.94 -20.65
C ALA A 75 16.74 -0.69 -21.91
N ASP A 76 16.63 0.51 -22.48
CA ASP A 76 17.41 0.85 -23.67
C ASP A 76 18.90 0.78 -23.38
N ARG A 77 19.33 1.34 -22.25
CA ARG A 77 20.75 1.30 -21.91
C ARG A 77 21.22 -0.12 -21.65
N LEU A 78 20.37 -0.94 -21.03
CA LEU A 78 20.77 -2.30 -20.69
C LEU A 78 20.86 -3.18 -21.94
N LYS A 79 19.90 -3.06 -22.86
CA LYS A 79 19.85 -3.98 -23.99
C LYS A 79 20.85 -3.61 -25.07
N ASN A 80 21.05 -2.31 -25.33
CA ASN A 80 22.01 -1.92 -26.35
C ASN A 80 23.44 -2.23 -25.93
N SER A 81 23.69 -2.28 -24.63
CA SER A 81 24.95 -2.78 -24.10
C SER A 81 24.85 -4.28 -23.86
N ILE A 82 26.02 -4.91 -23.67
CA ILE A 82 26.11 -6.28 -23.18
C ILE A 82 25.38 -7.22 -24.13
N THR A 83 25.79 -7.23 -25.41
CA THR A 83 25.16 -8.05 -26.43
C THR A 83 26.00 -9.31 -26.65
N ILE A 84 25.43 -10.46 -26.31
CA ILE A 84 26.06 -11.77 -26.50
C ILE A 84 25.01 -12.72 -27.07
N LYS A 85 25.46 -13.88 -27.52
CA LYS A 85 24.57 -14.86 -28.11
C LYS A 85 23.58 -15.41 -27.08
N ASP A 86 22.37 -15.71 -27.57
CA ASP A 86 21.29 -16.33 -26.77
C ASP A 86 20.97 -15.54 -25.50
N ILE A 87 21.26 -14.23 -25.48
CA ILE A 87 21.04 -13.43 -24.29
C ILE A 87 19.56 -13.04 -24.22
N SER A 88 18.90 -13.46 -23.15
CA SER A 88 17.52 -13.08 -22.88
C SER A 88 17.51 -11.97 -21.85
N ILE A 89 16.88 -10.85 -22.20
CA ILE A 89 16.69 -9.73 -21.29
C ILE A 89 15.20 -9.46 -21.21
N ALA A 90 14.63 -9.54 -20.01
CA ALA A 90 13.20 -9.39 -19.83
C ALA A 90 12.92 -8.59 -18.56
N ARG A 91 11.69 -8.06 -18.49
CA ARG A 91 11.21 -7.34 -17.32
C ARG A 91 10.26 -8.28 -16.59
N ILE A 92 10.78 -8.97 -15.56
CA ILE A 92 10.04 -10.04 -14.92
C ILE A 92 9.08 -9.54 -13.84
N SER A 93 9.22 -8.29 -13.41
CA SER A 93 8.31 -7.70 -12.44
C SER A 93 8.36 -6.18 -12.61
N THR A 94 7.70 -5.47 -11.69
CA THR A 94 7.57 -4.03 -11.84
C THR A 94 8.92 -3.33 -11.79
N TYR A 95 9.78 -3.73 -10.85
CA TYR A 95 11.03 -3.01 -10.61
C TYR A 95 12.27 -3.89 -10.77
N GLU A 96 12.14 -5.10 -11.27
CA GLU A 96 13.30 -5.97 -11.45
C GLU A 96 13.31 -6.57 -12.85
N PHE A 97 14.52 -6.72 -13.39
CA PHE A 97 14.74 -7.27 -14.71
C PHE A 97 15.43 -8.63 -14.62
N GLY A 98 15.04 -9.55 -15.49
CA GLY A 98 15.65 -10.86 -15.56
C GLY A 98 16.59 -10.98 -16.75
N ILE A 99 17.67 -11.73 -16.57
CA ILE A 99 18.70 -11.88 -17.60
C ILE A 99 19.14 -13.34 -17.63
N ILE A 100 19.20 -13.91 -18.83
CA ILE A 100 19.67 -15.27 -19.05
C ILE A 100 20.93 -15.20 -19.91
N MET A 101 21.99 -15.86 -19.46
CA MET A 101 23.29 -15.86 -20.14
C MET A 101 23.75 -17.29 -20.35
N PRO A 102 23.38 -17.90 -21.47
CA PRO A 102 23.78 -19.29 -21.71
C PRO A 102 25.24 -19.39 -22.17
N ASN A 103 25.81 -20.57 -21.92
CA ASN A 103 27.17 -20.91 -22.33
C ASN A 103 28.19 -19.95 -21.73
N MET A 104 28.01 -19.62 -20.45
CA MET A 104 28.94 -18.77 -19.72
C MET A 104 29.21 -19.38 -18.36
N ASP A 105 30.48 -19.52 -18.01
CA ASP A 105 30.87 -20.02 -16.70
C ASP A 105 30.91 -18.86 -15.71
N GLU A 106 31.42 -19.11 -14.49
CA GLU A 106 31.30 -18.14 -13.41
C GLU A 106 32.06 -16.85 -13.71
N THR A 107 33.28 -16.96 -14.24
CA THR A 107 34.08 -15.77 -14.51
C THR A 107 33.47 -14.93 -15.62
N GLU A 108 32.88 -15.58 -16.63
CA GLU A 108 32.26 -14.85 -17.73
C GLU A 108 31.02 -14.10 -17.26
N LEU A 109 30.27 -14.68 -16.32
CA LEU A 109 29.09 -14.00 -15.78
C LEU A 109 29.50 -12.75 -14.99
N LYS A 110 30.63 -12.82 -14.29
CA LYS A 110 31.06 -11.69 -13.48
C LYS A 110 31.38 -10.47 -14.34
N ILE A 111 32.02 -10.68 -15.48
CA ILE A 111 32.32 -9.57 -16.38
C ILE A 111 31.04 -9.00 -16.98
N VAL A 112 30.06 -9.87 -17.28
CA VAL A 112 28.76 -9.40 -17.73
C VAL A 112 28.06 -8.65 -16.61
N ALA A 113 28.09 -9.20 -15.39
CA ALA A 113 27.49 -8.51 -14.25
C ALA A 113 28.23 -7.22 -13.93
N GLU A 114 29.55 -7.22 -14.07
CA GLU A 114 30.31 -5.99 -13.86
C GLU A 114 29.95 -4.95 -14.91
N SER A 115 29.74 -5.38 -16.15
CA SER A 115 29.36 -4.46 -17.21
C SER A 115 27.94 -3.93 -17.02
N ILE A 116 27.05 -4.74 -16.44
CA ILE A 116 25.69 -4.28 -16.17
C ILE A 116 25.72 -3.09 -15.23
N ILE A 117 26.43 -3.21 -14.12
CA ILE A 117 26.41 -2.17 -13.09
C ILE A 117 27.01 -0.88 -13.61
N THR A 118 28.18 -0.96 -14.26
CA THR A 118 28.79 0.22 -14.85
C THR A 118 27.87 0.82 -15.91
N CYS A 119 27.03 0.01 -16.53
CA CYS A 119 26.06 0.50 -17.50
C CYS A 119 24.91 1.27 -16.86
N VAL A 120 24.74 1.18 -15.55
CA VAL A 120 23.67 1.90 -14.85
C VAL A 120 24.20 3.07 -14.03
N ASP A 121 25.51 3.34 -14.07
CA ASP A 121 26.05 4.49 -13.36
C ASP A 121 26.03 5.76 -14.23
N ASP A 122 26.29 5.62 -15.53
CA ASP A 122 26.25 6.78 -16.40
C ASP A 122 24.83 7.23 -16.71
N ILE A 123 23.84 6.37 -16.50
CA ILE A 123 22.51 6.62 -17.04
C ILE A 123 21.58 7.33 -16.05
N ASN A 124 21.76 7.11 -14.74
CA ASN A 124 20.98 7.92 -13.82
C ASN A 124 21.92 8.89 -13.07
N PRO A 125 23.02 8.41 -12.46
CA PRO A 125 23.97 9.44 -12.04
C PRO A 125 24.82 9.97 -13.20
N ASN A 134 21.52 3.46 -7.04
CA ASN A 134 20.62 2.84 -6.06
C ASN A 134 19.92 1.63 -6.67
N LEU A 135 20.65 0.51 -6.74
CA LEU A 135 20.13 -0.71 -7.35
C LEU A 135 20.76 -1.91 -6.65
N SER A 136 20.31 -3.09 -7.06
CA SER A 136 20.87 -4.33 -6.55
C SER A 136 20.87 -5.37 -7.66
N LEU A 137 21.97 -6.13 -7.74
CA LEU A 137 22.15 -7.12 -8.80
C LEU A 137 22.48 -8.46 -8.17
N GLY A 138 21.66 -9.47 -8.47
CA GLY A 138 21.91 -10.83 -8.04
C GLY A 138 22.16 -11.70 -9.26
N VAL A 139 23.24 -12.50 -9.19
CA VAL A 139 23.62 -13.38 -10.28
C VAL A 139 23.85 -14.78 -9.72
N VAL A 140 23.39 -15.79 -10.44
CA VAL A 140 23.64 -17.18 -10.09
C VAL A 140 24.14 -17.91 -11.32
N SER A 141 25.07 -18.84 -11.12
CA SER A 141 25.59 -19.71 -12.17
C SER A 141 25.02 -21.10 -11.98
N ASN A 142 24.44 -21.65 -13.04
CA ASN A 142 23.84 -22.98 -12.99
C ASN A 142 24.93 -24.01 -13.24
N LYS A 143 25.39 -24.65 -12.16
CA LYS A 143 26.40 -25.70 -12.25
C LYS A 143 25.84 -27.06 -11.86
N ARG A 144 24.53 -27.17 -11.66
CA ARG A 144 23.85 -28.43 -11.45
C ARG A 144 22.53 -28.39 -12.21
N GLN A 145 21.89 -29.55 -12.34
CA GLN A 145 20.58 -29.61 -13.01
C GLN A 145 19.53 -29.09 -12.05
N SER A 146 18.93 -27.95 -12.38
CA SER A 146 18.00 -27.27 -11.50
C SER A 146 16.67 -27.03 -12.21
N SER A 147 15.59 -27.04 -11.43
CA SER A 147 14.27 -26.73 -11.95
C SER A 147 14.12 -25.21 -12.11
N THR A 148 12.96 -24.79 -12.61
CA THR A 148 12.76 -23.37 -12.86
C THR A 148 12.45 -22.60 -11.57
N THR A 149 11.71 -23.24 -10.65
CA THR A 149 11.45 -22.60 -9.36
C THR A 149 12.72 -22.52 -8.52
N THR A 150 13.60 -23.51 -8.66
CA THR A 150 14.86 -23.50 -7.93
C THR A 150 15.72 -22.29 -8.31
N LEU A 151 15.87 -22.05 -9.61
CA LEU A 151 16.70 -20.93 -10.04
C LEU A 151 16.10 -19.60 -9.63
N LEU A 152 14.76 -19.49 -9.64
CA LEU A 152 14.13 -18.25 -9.19
C LEU A 152 14.36 -18.03 -7.70
N SER A 153 14.34 -19.11 -6.92
CA SER A 153 14.65 -18.98 -5.50
C SER A 153 16.10 -18.60 -5.29
N LEU A 154 17.03 -19.23 -6.02
CA LEU A 154 18.42 -18.84 -5.95
C LEU A 154 18.61 -17.40 -6.38
N LEU A 155 17.89 -16.98 -7.43
CA LEU A 155 17.98 -15.60 -7.90
C LEU A 155 17.49 -14.63 -6.84
N ASP A 156 16.46 -15.02 -6.08
CA ASP A 156 15.91 -14.14 -5.06
C ASP A 156 16.83 -14.06 -3.84
N ASN A 157 17.43 -15.18 -3.44
CA ASN A 157 18.34 -15.17 -2.30
C ASN A 157 19.64 -14.46 -2.64
N ALA A 158 20.11 -14.57 -3.89
CA ALA A 158 21.29 -13.82 -4.30
C ALA A 158 21.02 -12.32 -4.31
N LEU A 159 19.82 -11.93 -4.73
CA LEU A 159 19.45 -10.51 -4.70
C LEU A 159 19.42 -10.00 -3.27
N ALA A 160 18.93 -10.80 -2.33
CA ALA A 160 18.93 -10.41 -0.93
C ALA A 160 20.36 -10.30 -0.41
N LYS A 161 21.26 -11.16 -0.89
CA LYS A 161 22.66 -11.06 -0.52
C LYS A 161 23.27 -9.75 -0.98
N ALA A 162 22.91 -9.29 -2.19
CA ALA A 162 23.45 -8.04 -2.70
C ALA A 162 22.93 -6.84 -1.93
N LYS A 163 21.65 -6.88 -1.53
CA LYS A 163 21.06 -5.77 -0.79
C LYS A 163 21.63 -5.68 0.62
N SER A 164 21.80 -6.83 1.28
CA SER A 164 22.26 -6.84 2.67
C SER A 164 23.75 -6.51 2.80
N ASN A 165 24.50 -6.51 1.69
CA ASN A 165 25.92 -6.15 1.69
C ASN A 165 26.18 -5.21 0.52
N PRO A 166 25.82 -3.93 0.67
CA PRO A 166 25.99 -2.98 -0.45
C PRO A 166 27.44 -2.72 -0.82
N GLU A 167 28.42 -3.20 -0.05
CA GLU A 167 29.81 -3.08 -0.50
C GLU A 167 30.12 -4.03 -1.64
N LEU A 168 29.29 -5.04 -1.86
CA LEU A 168 29.42 -5.91 -3.02
C LEU A 168 28.77 -5.27 -4.23
N ASN A 169 29.45 -5.33 -5.37
CA ASN A 169 28.82 -4.88 -6.61
C ASN A 169 27.61 -5.74 -6.94
N TYR A 170 27.65 -7.02 -6.62
CA TYR A 170 26.56 -7.94 -6.91
C TYR A 170 26.63 -9.12 -5.95
N GLY A 171 25.51 -9.79 -5.78
CA GLY A 171 25.44 -11.00 -4.98
C GLY A 171 25.53 -12.23 -5.87
N PHE A 172 26.52 -13.06 -5.59
CA PHE A 172 26.80 -14.26 -6.39
C PHE A 172 26.53 -15.51 -5.56
N ILE A 173 25.69 -16.38 -6.08
CA ILE A 173 25.46 -17.71 -5.51
C ILE A 173 25.55 -18.72 -6.64
N SER A 174 26.30 -19.80 -6.44
CA SER A 174 26.37 -20.86 -7.42
C SER A 174 25.31 -21.91 -7.12
N SER A 175 24.75 -22.50 -8.18
CA SER A 175 23.65 -23.44 -8.01
C SER A 175 24.06 -24.68 -7.23
N ASP A 176 25.35 -24.95 -7.12
CA ASP A 176 25.85 -26.11 -6.37
C ASP A 176 26.12 -25.79 -4.90
N THR A 177 25.73 -24.60 -4.44
CA THR A 177 26.08 -24.16 -3.10
C THR A 177 25.47 -25.08 -2.04
N ASP A 178 26.18 -25.22 -0.92
CA ASP A 178 25.64 -25.93 0.23
C ASP A 178 24.75 -25.05 1.10
N LYS A 179 24.70 -23.75 0.82
CA LYS A 179 23.87 -22.84 1.60
C LYS A 179 22.40 -23.17 1.40
N ILE A 180 21.62 -22.95 2.46
CA ILE A 180 20.18 -23.20 2.42
C ILE A 180 19.51 -22.08 1.64
N ILE A 181 18.90 -22.42 0.52
CA ILE A 181 18.20 -21.47 -0.34
C ILE A 181 16.72 -21.80 -0.31
N LEU A 182 15.89 -20.80 0.00
CA LEU A 182 14.46 -20.99 0.13
C LEU A 182 13.73 -19.84 -0.55
N GLY A 183 12.50 -20.11 -0.98
CA GLY A 183 11.63 -19.06 -1.47
C GLY A 183 11.13 -18.18 -0.34
N LYS A 184 10.43 -17.11 -0.73
CA LYS A 184 9.97 -16.13 0.25
C LYS A 184 9.04 -16.77 1.27
N GLN A 185 8.05 -17.54 0.80
CA GLN A 185 7.11 -18.17 1.71
C GLN A 185 7.76 -19.27 2.53
N GLN A 186 8.79 -19.93 2.00
CA GLN A 186 9.50 -20.93 2.78
C GLN A 186 10.27 -20.29 3.94
N TRP A 187 10.92 -19.15 3.68
CA TRP A 187 11.62 -18.45 4.75
C TRP A 187 10.65 -18.04 5.86
N LYS A 188 9.50 -17.49 5.47
CA LYS A 188 8.53 -17.04 6.47
C LYS A 188 8.04 -18.21 7.32
N THR A 189 7.78 -19.36 6.69
CA THR A 189 7.36 -20.54 7.45
C THR A 189 8.43 -20.97 8.43
N LEU A 190 9.70 -20.96 8.00
CA LEU A 190 10.79 -21.36 8.89
C LEU A 190 10.92 -20.41 10.07
N VAL A 191 10.79 -19.11 9.83
CA VAL A 191 10.86 -18.14 10.93
C VAL A 191 9.71 -18.35 11.91
N GLU A 192 8.50 -18.55 11.38
CA GLU A 192 7.36 -18.88 12.24
C GLU A 192 7.63 -20.14 13.04
N GLU A 193 8.25 -21.14 12.40
CA GLU A 193 8.64 -22.35 13.12
C GLU A 193 9.66 -22.04 14.20
N ALA A 194 10.65 -21.20 13.90
CA ALA A 194 11.66 -20.84 14.88
C ALA A 194 11.06 -20.02 16.02
N ILE A 195 10.11 -19.15 15.71
CA ILE A 195 9.43 -18.40 16.76
C ILE A 195 8.62 -19.33 17.64
N HIS A 196 7.93 -20.30 17.04
CA HIS A 196 7.04 -21.16 17.80
C HIS A 196 7.81 -22.10 18.73
N ASN A 197 8.96 -22.60 18.28
CA ASN A 197 9.75 -23.56 19.05
C ASN A 197 10.87 -22.91 19.85
N ASP A 198 10.97 -21.58 19.84
CA ASP A 198 11.99 -20.85 20.59
C ASP A 198 13.40 -21.33 20.24
N TRP A 199 13.66 -21.41 18.94
CA TRP A 199 14.98 -21.77 18.42
C TRP A 199 15.91 -20.58 18.34
N PHE A 200 15.52 -19.42 18.88
CA PHE A 200 16.27 -18.20 18.69
C PHE A 200 17.43 -18.09 19.68
N THR A 201 18.54 -17.55 19.19
CA THR A 201 19.68 -17.18 20.01
C THR A 201 19.94 -15.69 19.84
N PHE A 202 20.55 -15.08 20.85
CA PHE A 202 20.74 -13.64 20.87
C PHE A 202 22.18 -13.30 21.26
N ARG A 203 22.72 -12.28 20.60
CA ARG A 203 24.04 -11.76 20.87
C ARG A 203 23.95 -10.29 21.27
N TYR A 204 24.81 -9.86 22.19
CA TYR A 204 24.79 -8.50 22.70
C TYR A 204 26.18 -7.89 22.45
N GLN A 205 26.24 -6.91 21.56
CA GLN A 205 27.47 -6.21 21.24
C GLN A 205 27.44 -4.81 21.85
N ALA A 206 28.42 -4.50 22.69
CA ALA A 206 28.42 -3.25 23.42
C ALA A 206 29.00 -2.13 22.59
N ALA A 207 28.33 -0.97 22.64
CA ALA A 207 28.83 0.26 22.03
C ALA A 207 29.46 1.08 23.14
N ASN A 208 30.79 1.19 23.13
CA ASN A 208 31.54 1.79 24.22
C ASN A 208 32.22 3.07 23.77
N SER A 209 32.35 4.01 24.71
CA SER A 209 33.12 5.23 24.49
C SER A 209 34.60 4.93 24.64
N SER A 210 35.43 5.95 24.38
CA SER A 210 36.87 5.79 24.60
C SER A 210 37.21 5.63 26.08
N TRP A 211 36.30 5.99 26.97
CA TRP A 211 36.50 5.88 28.41
C TRP A 211 35.94 4.59 28.99
N GLY A 212 35.47 3.67 28.13
CA GLY A 212 34.90 2.43 28.59
C GLY A 212 33.44 2.50 28.98
N LYS A 213 32.83 3.68 28.95
CA LYS A 213 31.42 3.81 29.24
C LYS A 213 30.59 3.13 28.15
N THR A 214 29.71 2.23 28.56
CA THR A 214 28.88 1.48 27.62
C THR A 214 27.61 2.28 27.33
N PHE A 215 27.48 2.73 26.08
CA PHE A 215 26.27 3.47 25.68
C PHE A 215 25.06 2.54 25.68
N HIS A 216 25.14 1.45 24.91
CA HIS A 216 24.12 0.41 24.94
C HIS A 216 24.73 -0.87 24.38
N ARG A 217 23.95 -1.95 24.45
CA ARG A 217 24.29 -3.21 23.81
C ARG A 217 23.26 -3.50 22.73
N GLU A 218 23.72 -3.57 21.48
CA GLU A 218 22.83 -3.89 20.38
C GLU A 218 22.54 -5.39 20.35
N VAL A 219 21.27 -5.73 20.10
CA VAL A 219 20.80 -7.11 20.11
C VAL A 219 20.78 -7.63 18.68
N PHE A 220 21.42 -8.78 18.46
CA PHE A 220 21.40 -9.46 17.18
C PHE A 220 20.68 -10.78 17.32
N SER A 221 19.73 -11.04 16.43
CA SER A 221 18.89 -12.23 16.51
C SER A 221 19.33 -13.26 15.48
N ALA A 222 19.33 -14.52 15.91
CA ALA A 222 19.57 -15.65 15.02
C ALA A 222 18.80 -16.85 15.57
N PHE A 223 18.66 -17.87 14.74
CA PHE A 223 18.02 -19.11 15.19
C PHE A 223 18.70 -20.29 14.51
N GLU A 224 18.50 -21.46 15.09
CA GLU A 224 19.14 -22.68 14.61
C GLU A 224 18.11 -23.79 14.50
N LYS A 225 18.16 -24.51 13.38
CA LYS A 225 17.31 -25.68 13.15
C LYS A 225 18.18 -26.81 12.62
N ASP A 226 18.15 -27.95 13.31
CA ASP A 226 18.91 -29.14 12.92
C ASP A 226 20.40 -28.82 12.75
N GLY A 227 20.95 -28.13 13.75
CA GLY A 227 22.35 -27.80 13.77
C GLY A 227 22.80 -26.75 12.77
N VAL A 228 21.88 -26.16 12.02
CA VAL A 228 22.20 -25.13 11.04
C VAL A 228 21.76 -23.78 11.60
N ARG A 229 22.66 -22.79 11.54
CA ARG A 229 22.41 -21.47 12.09
C ARG A 229 21.97 -20.51 10.99
N TYR A 230 20.95 -19.71 11.28
CA TYR A 230 20.41 -18.73 10.34
C TYR A 230 20.50 -17.34 10.96
N THR A 231 21.03 -16.39 10.21
CA THR A 231 21.11 -15.00 10.64
C THR A 231 20.05 -14.17 9.93
N ALA A 232 19.89 -12.92 10.40
CA ALA A 232 18.74 -12.12 10.01
C ALA A 232 18.78 -11.73 8.54
N ASN A 233 19.97 -11.44 8.00
CA ASN A 233 20.06 -11.05 6.60
C ASN A 233 19.73 -12.18 5.64
N GLN A 234 19.54 -13.40 6.14
CA GLN A 234 19.17 -14.50 5.26
C GLN A 234 17.68 -14.54 4.98
N PHE A 235 16.85 -14.06 5.91
CA PHE A 235 15.41 -14.16 5.78
C PHE A 235 14.64 -12.85 5.90
N LEU A 236 15.29 -11.75 6.28
CA LEU A 236 14.56 -10.50 6.50
C LEU A 236 13.93 -9.97 5.21
N PHE A 237 14.53 -10.25 4.06
CA PHE A 237 13.96 -9.81 2.80
C PHE A 237 12.62 -10.48 2.55
N ALA A 238 12.49 -11.76 2.93
CA ALA A 238 11.25 -12.48 2.71
C ALA A 238 10.14 -11.96 3.61
N LEU A 239 10.48 -11.62 4.86
CA LEU A 239 9.47 -11.15 5.80
C LEU A 239 8.95 -9.78 5.41
N GLU A 240 9.83 -8.89 4.95
CA GLU A 240 9.40 -7.55 4.56
C GLU A 240 8.60 -7.61 3.25
N GLN A 241 9.00 -8.46 2.32
CA GLN A 241 8.26 -8.57 1.07
C GLN A 241 6.88 -9.17 1.28
N LEU A 242 6.71 -9.96 2.34
CA LEU A 242 5.42 -10.57 2.66
C LEU A 242 4.70 -9.83 3.78
N ASN A 243 5.17 -8.64 4.15
CA ASN A 243 4.56 -7.82 5.21
C ASN A 243 4.38 -8.63 6.49
N ALA A 244 5.43 -9.37 6.86
CA ALA A 244 5.40 -10.21 8.05
C ALA A 244 6.56 -9.94 9.01
N SER A 245 7.39 -8.93 8.72
CA SER A 245 8.54 -8.67 9.59
C SER A 245 8.12 -8.17 10.97
N HIS A 246 6.93 -7.60 11.10
CA HIS A 246 6.48 -7.14 12.42
C HIS A 246 6.22 -8.31 13.37
N ILE A 247 5.88 -9.49 12.82
CA ILE A 247 5.79 -10.67 13.66
C ILE A 247 7.15 -11.00 14.26
N PHE A 248 8.21 -10.88 13.45
CA PHE A 248 9.56 -11.15 13.92
C PHE A 248 10.02 -10.08 14.91
N ASP A 249 9.74 -8.82 14.62
CA ASP A 249 10.17 -7.75 15.52
C ASP A 249 9.43 -7.79 16.85
N GLN A 250 8.14 -8.14 16.82
CA GLN A 250 7.39 -8.23 18.07
C GLN A 250 7.90 -9.36 18.95
N TYR A 251 8.34 -10.46 18.34
CA TYR A 251 8.90 -11.56 19.11
C TYR A 251 10.23 -11.15 19.76
N VAL A 252 11.09 -10.49 18.99
CA VAL A 252 12.39 -10.05 19.52
C VAL A 252 12.18 -9.05 20.66
N ILE A 253 11.27 -8.10 20.48
CA ILE A 253 11.01 -7.10 21.51
C ILE A 253 10.49 -7.77 22.78
N GLU A 254 9.60 -8.75 22.63
CA GLU A 254 9.09 -9.47 23.80
C GLU A 254 10.21 -10.19 24.52
N ARG A 255 11.08 -10.91 23.77
CA ARG A 255 12.17 -11.64 24.40
C ARG A 255 13.15 -10.71 25.07
N VAL A 256 13.44 -9.56 24.47
CA VAL A 256 14.36 -8.60 25.07
C VAL A 256 13.77 -8.02 26.36
N ILE A 257 12.48 -7.69 26.34
CA ILE A 257 11.85 -7.11 27.53
C ILE A 257 11.82 -8.12 28.67
N GLN A 258 11.59 -9.40 28.35
CA GLN A 258 11.67 -10.45 29.36
C GLN A 258 13.02 -10.43 30.06
N GLN A 259 14.10 -10.27 29.30
CA GLN A 259 15.43 -10.22 29.88
C GLN A 259 15.60 -9.00 30.78
N LEU A 260 15.05 -7.85 30.37
CA LEU A 260 15.14 -6.67 31.22
C LEU A 260 14.28 -6.81 32.46
N GLU A 261 13.13 -7.47 32.35
CA GLU A 261 12.29 -7.71 33.51
C GLU A 261 12.98 -8.60 34.54
N LYS A 262 13.92 -9.44 34.09
CA LYS A 262 14.69 -10.27 35.01
C LYS A 262 15.73 -9.49 35.80
N GLY A 263 15.75 -8.16 35.68
CA GLY A 263 16.68 -7.33 36.42
C GLY A 263 18.14 -7.64 36.16
N GLU A 264 18.44 -8.32 35.05
CA GLU A 264 19.81 -8.76 34.80
C GLU A 264 20.63 -7.67 34.13
N LEU A 265 20.21 -7.23 32.95
CA LEU A 265 21.00 -6.31 32.14
C LEU A 265 20.84 -4.89 32.66
N THR A 266 21.95 -4.30 33.12
CA THR A 266 21.94 -2.98 33.73
C THR A 266 21.96 -1.85 32.71
N ASP A 267 22.40 -2.12 31.49
CA ASP A 267 22.60 -1.11 30.46
C ASP A 267 21.47 -1.15 29.44
N PRO A 268 21.26 -0.05 28.70
CA PRO A 268 20.23 -0.04 27.67
C PRO A 268 20.53 -1.05 26.57
N LEU A 269 19.48 -1.55 25.94
CA LEU A 269 19.58 -2.50 24.85
C LEU A 269 19.04 -1.88 23.57
N ALA A 270 19.78 -2.02 22.48
CA ALA A 270 19.40 -1.48 21.18
C ALA A 270 18.76 -2.59 20.36
N ILE A 271 17.47 -2.42 20.03
CA ILE A 271 16.73 -3.40 19.26
C ILE A 271 16.58 -2.89 17.83
N ASN A 272 17.01 -3.71 16.86
CA ASN A 272 16.83 -3.36 15.46
C ASN A 272 15.37 -3.54 15.05
N ILE A 273 14.86 -2.61 14.24
CA ILE A 273 13.51 -2.66 13.73
C ILE A 273 13.57 -2.58 12.21
N ALA A 274 12.90 -3.50 11.54
CA ALA A 274 12.85 -3.47 10.09
C ALA A 274 11.90 -2.38 9.60
N GLN A 275 12.12 -1.95 8.35
CA GLN A 275 11.28 -0.89 7.80
C GLN A 275 9.85 -1.37 7.58
N GLY A 276 9.68 -2.61 7.10
CA GLY A 276 8.35 -3.14 6.87
C GLY A 276 7.50 -3.24 8.12
N SER A 277 8.13 -3.27 9.30
CA SER A 277 7.36 -3.29 10.54
C SER A 277 6.85 -1.89 10.90
N ILE A 278 7.65 -0.86 10.63
CA ILE A 278 7.27 0.50 10.99
C ILE A 278 6.12 1.01 10.12
N SER A 279 6.03 0.54 8.88
CA SER A 279 4.92 0.89 8.00
C SER A 279 3.66 0.07 8.27
N GLN A 280 3.65 -0.70 9.36
CA GLN A 280 2.48 -1.48 9.74
C GLN A 280 1.79 -0.80 10.91
N PRO A 281 0.62 -0.18 10.71
CA PRO A 281 -0.01 0.54 11.82
C PRO A 281 -0.38 -0.33 13.01
N SER A 282 -0.63 -1.62 12.80
CA SER A 282 -0.86 -2.52 13.92
C SER A 282 0.39 -2.65 14.79
N PHE A 283 1.57 -2.59 14.17
CA PHE A 283 2.81 -2.62 14.94
C PHE A 283 3.01 -1.33 15.72
N ILE A 284 2.56 -0.19 15.19
CA ILE A 284 2.68 1.07 15.91
C ILE A 284 1.76 1.07 17.12
N ARG A 285 0.55 0.51 16.99
CA ARG A 285 -0.31 0.35 18.16
C ARG A 285 0.27 -0.66 19.13
N TRP A 286 0.85 -1.75 18.61
CA TRP A 286 1.41 -2.79 19.46
C TRP A 286 2.51 -2.25 20.37
N ILE A 287 3.37 -1.39 19.82
CA ILE A 287 4.48 -0.84 20.61
C ILE A 287 3.94 -0.03 21.78
N SER A 288 2.92 0.79 21.54
CA SER A 288 2.35 1.60 22.62
C SER A 288 1.72 0.73 23.69
N GLN A 289 1.03 -0.35 23.29
CA GLN A 289 0.35 -1.20 24.26
C GLN A 289 1.35 -1.99 25.11
N THR A 290 2.40 -2.53 24.48
CA THR A 290 3.36 -3.33 25.23
C THR A 290 4.28 -2.46 26.07
N LEU A 291 4.72 -1.31 25.54
CA LEU A 291 5.60 -0.44 26.31
C LEU A 291 4.91 0.11 27.55
N SER A 292 3.59 0.30 27.50
CA SER A 292 2.86 0.75 28.67
C SER A 292 2.77 -0.33 29.74
N LYS A 293 2.88 -1.59 29.36
CA LYS A 293 2.85 -2.71 30.31
C LYS A 293 4.20 -3.02 30.91
N HIS A 294 5.27 -2.35 30.46
CA HIS A 294 6.61 -2.56 30.99
C HIS A 294 7.32 -1.20 31.13
N LEU A 295 6.71 -0.30 31.89
CA LEU A 295 7.27 1.04 32.04
C LEU A 295 8.57 1.03 32.84
N SER A 296 8.76 0.02 33.69
CA SER A 296 9.95 -0.02 34.53
C SER A 296 11.22 -0.16 33.69
N VAL A 297 11.14 -0.92 32.58
CA VAL A 297 12.30 -1.15 31.73
C VAL A 297 12.31 -0.26 30.50
N ALA A 298 11.34 0.66 30.38
CA ALA A 298 11.20 1.45 29.15
C ALA A 298 12.42 2.34 28.92
N ASN A 299 13.02 2.85 29.99
CA ASN A 299 14.19 3.71 29.86
C ASN A 299 15.42 2.94 29.38
N LEU A 300 15.38 1.61 29.35
CA LEU A 300 16.50 0.79 28.96
C LEU A 300 16.35 0.22 27.55
N LEU A 301 15.44 0.78 26.75
CA LEU A 301 15.16 0.29 25.40
C LEU A 301 15.50 1.38 24.39
N HIS A 302 16.43 1.08 23.50
CA HIS A 302 16.75 1.92 22.35
C HIS A 302 16.28 1.20 21.09
N PHE A 303 15.45 1.85 20.30
CA PHE A 303 14.94 1.27 19.06
C PHE A 303 15.78 1.77 17.89
N GLU A 304 16.49 0.86 17.23
CA GLU A 304 17.37 1.21 16.13
C GLU A 304 16.57 1.18 14.83
N ILE A 305 16.38 2.34 14.24
CA ILE A 305 15.54 2.52 13.05
C ILE A 305 16.45 2.79 11.86
N PRO A 306 16.31 2.06 10.75
CA PRO A 306 17.18 2.30 9.59
C PRO A 306 16.94 3.69 9.01
N GLU A 307 18.00 4.25 8.44
CA GLU A 307 17.91 5.57 7.83
C GLU A 307 16.89 5.59 6.70
N GLY A 308 16.71 4.47 6.00
CA GLY A 308 15.72 4.42 4.93
C GLY A 308 14.31 4.71 5.40
N CYS A 309 14.01 4.40 6.67
CA CYS A 309 12.69 4.72 7.21
C CYS A 309 12.47 6.23 7.24
N PHE A 310 13.45 6.98 7.74
CA PHE A 310 13.26 8.41 7.95
C PHE A 310 13.10 9.16 6.64
N VAL A 311 13.76 8.71 5.57
CA VAL A 311 13.71 9.45 4.32
C VAL A 311 12.62 8.93 3.38
N ASN A 312 12.24 7.66 3.51
CA ASN A 312 11.22 7.08 2.64
C ASN A 312 9.85 6.99 3.30
N GLU A 313 9.79 6.73 4.61
CA GLU A 313 8.53 6.64 5.34
C GLU A 313 8.57 7.55 6.57
N PRO A 314 8.68 8.87 6.36
CA PRO A 314 8.83 9.76 7.51
C PRO A 314 7.60 9.79 8.41
N HIS A 315 6.41 9.60 7.84
CA HIS A 315 5.18 9.73 8.63
C HIS A 315 4.90 8.47 9.44
N TYR A 316 5.08 7.28 8.85
CA TYR A 316 5.06 6.07 9.64
C TYR A 316 6.12 6.11 10.73
N THR A 317 7.32 6.58 10.39
CA THR A 317 8.41 6.61 11.36
C THR A 317 8.11 7.57 12.50
N ALA A 318 7.57 8.75 12.19
CA ALA A 318 7.25 9.70 13.24
C ALA A 318 6.16 9.17 14.16
N LEU A 319 5.18 8.45 13.60
CA LEU A 319 4.17 7.82 14.45
C LEU A 319 4.80 6.77 15.36
N PHE A 320 5.76 6.00 14.84
CA PHE A 320 6.45 5.02 15.67
C PHE A 320 7.33 5.70 16.71
N CYS A 321 8.04 6.75 16.31
CA CYS A 321 8.93 7.45 17.25
C CYS A 321 8.13 8.10 18.37
N ASN A 322 6.97 8.67 18.05
CA ASN A 322 6.13 9.26 19.09
C ASN A 322 5.67 8.22 20.09
N ALA A 323 5.20 7.08 19.59
CA ALA A 323 4.76 6.00 20.48
C ALA A 323 5.91 5.52 21.36
N VAL A 324 7.11 5.46 20.81
CA VAL A 324 8.26 4.97 21.57
C VAL A 324 8.63 5.96 22.67
N ARG A 325 8.72 7.24 22.32
CA ARG A 325 9.11 8.24 23.31
C ARG A 325 8.01 8.56 24.31
N ASN A 326 6.74 8.50 23.89
CA ASN A 326 5.65 8.75 24.83
C ASN A 326 5.65 7.74 25.96
N ALA A 327 6.17 6.54 25.72
CA ALA A 327 6.18 5.47 26.71
C ALA A 327 7.48 5.39 27.50
N GLY A 328 8.38 6.36 27.34
CA GLY A 328 9.60 6.38 28.11
C GLY A 328 10.78 5.67 27.49
N ALA A 329 10.73 5.37 26.19
CA ALA A 329 11.84 4.77 25.47
C ALA A 329 12.44 5.83 24.53
N ASP A 330 13.39 5.40 23.70
CA ASP A 330 14.04 6.30 22.76
C ASP A 330 14.44 5.51 21.52
N PHE A 331 15.02 6.21 20.55
CA PHE A 331 15.33 5.61 19.26
C PHE A 331 16.59 6.23 18.68
N GLY A 332 17.18 5.52 17.71
CA GLY A 332 18.34 6.00 17.00
C GLY A 332 18.28 5.59 15.54
N VAL A 333 19.30 6.00 14.79
CA VAL A 333 19.39 5.75 13.35
C VAL A 333 20.49 4.71 13.12
N ASP A 334 20.23 3.79 12.19
CA ASP A 334 21.10 2.63 12.01
C ASP A 334 22.07 2.77 10.83
N ASN A 335 21.56 3.12 9.65
CA ASN A 335 22.41 3.30 8.47
C ASN A 335 22.76 4.76 8.24
N TYR A 336 23.13 5.47 9.31
CA TYR A 336 23.35 6.91 9.23
C TYR A 336 24.45 7.26 8.25
N GLY A 337 24.14 8.17 7.32
CA GLY A 337 25.09 8.64 6.35
C GLY A 337 25.02 7.97 5.00
N ARG A 338 24.23 6.89 4.86
CA ARG A 338 24.16 6.22 3.57
C ARG A 338 23.41 7.05 2.55
N ASN A 339 22.39 7.80 2.99
CA ASN A 339 21.66 8.71 2.12
C ASN A 339 22.12 10.14 2.37
N PHE A 340 23.40 10.38 2.06
CA PHE A 340 23.96 11.72 2.15
C PHE A 340 23.24 12.65 1.17
N GLN A 341 23.36 13.96 1.42
CA GLN A 341 22.65 15.04 0.76
C GLN A 341 21.13 14.97 0.95
N SER A 342 20.63 13.95 1.64
CA SER A 342 19.22 13.86 2.00
C SER A 342 19.13 13.37 3.45
N LEU A 343 19.74 14.16 4.34
CA LEU A 343 19.87 13.79 5.74
C LEU A 343 19.49 14.96 6.64
N ASP A 344 18.45 15.70 6.28
CA ASP A 344 17.93 16.77 7.12
C ASP A 344 16.82 16.30 8.04
N TYR A 345 16.43 15.02 7.96
CA TYR A 345 15.44 14.47 8.89
C TYR A 345 15.92 14.53 10.33
N ILE A 346 17.24 14.59 10.54
CA ILE A 346 17.79 14.64 11.89
C ILE A 346 17.26 15.85 12.64
N ASN A 347 17.18 16.99 11.95
CA ASN A 347 16.73 18.22 12.61
C ASN A 347 15.29 18.09 13.09
N GLU A 348 14.45 17.39 12.33
CA GLU A 348 13.05 17.25 12.71
C GLU A 348 12.87 16.17 13.77
N PHE A 349 13.53 15.02 13.61
CA PHE A 349 13.30 13.88 14.48
C PHE A 349 14.10 13.93 15.77
N ARG A 350 15.31 14.51 15.75
CA ARG A 350 16.19 14.59 16.91
C ARG A 350 16.41 13.20 17.54
N PRO A 351 17.08 12.29 16.86
CA PRO A 351 17.33 10.97 17.44
C PRO A 351 18.27 11.05 18.62
N LYS A 352 18.17 10.05 19.50
CA LYS A 352 19.07 10.00 20.65
C LYS A 352 20.50 9.75 20.21
N TYR A 353 20.70 8.96 19.17
CA TYR A 353 22.03 8.66 18.66
C TYR A 353 21.95 8.44 17.16
N VAL A 354 23.12 8.40 16.53
CA VAL A 354 23.26 8.03 15.13
C VAL A 354 24.39 7.00 15.04
N LYS A 355 24.07 5.81 14.52
CA LYS A 355 25.06 4.78 14.29
C LYS A 355 25.49 4.85 12.83
N LEU A 356 26.77 5.15 12.60
CA LEU A 356 27.26 5.41 11.26
C LEU A 356 27.06 4.20 10.35
N ASP A 357 26.90 4.48 9.06
CA ASP A 357 26.90 3.43 8.05
C ASP A 357 28.23 2.69 8.10
N TYR A 358 28.17 1.36 8.13
CA TYR A 358 29.39 0.57 8.26
C TYR A 358 30.29 0.67 7.03
N LEU A 359 29.79 1.25 5.93
CA LEU A 359 30.64 1.50 4.78
C LEU A 359 31.66 2.60 5.03
N PHE A 360 31.55 3.33 6.13
CA PHE A 360 32.54 4.35 6.46
C PHE A 360 33.82 3.73 7.00
N THR A 361 33.75 2.57 7.62
CA THR A 361 34.94 1.83 8.01
C THR A 361 35.54 1.04 6.86
N HIS A 362 34.95 1.12 5.66
CA HIS A 362 35.36 0.31 4.52
C HIS A 362 36.23 1.05 3.53
N HIS A 363 35.98 2.35 3.30
CA HIS A 363 36.73 3.15 2.32
C HIS A 363 37.30 4.39 3.01
N LEU A 364 38.38 4.18 3.76
CA LEU A 364 39.01 5.28 4.48
C LEU A 364 39.86 6.15 3.58
N ASP A 365 40.48 5.57 2.55
CA ASP A 365 41.45 6.29 1.75
C ASP A 365 40.82 7.32 0.81
N ASP A 366 39.57 7.11 0.41
CA ASP A 366 38.90 8.06 -0.47
C ASP A 366 38.69 9.38 0.26
N GLU A 367 39.26 10.45 -0.27
CA GLU A 367 39.19 11.76 0.39
C GLU A 367 37.77 12.26 0.48
N ARG A 368 36.97 12.04 -0.58
CA ARG A 368 35.57 12.48 -0.56
C ARG A 368 34.78 11.75 0.52
N GLN A 369 35.15 10.50 0.81
CA GLN A 369 34.45 9.77 1.88
C GLN A 369 34.75 10.37 3.25
N LYS A 370 35.97 10.84 3.45
CA LYS A 370 36.32 11.46 4.73
C LYS A 370 35.66 12.82 4.89
N PHE A 371 35.38 13.51 3.78
CA PHE A 371 34.71 14.81 3.87
C PHE A 371 33.25 14.65 4.28
N THR A 372 32.55 13.69 3.68
CA THR A 372 31.17 13.42 4.09
C THR A 372 31.09 12.93 5.52
N LEU A 373 32.08 12.14 5.95
CA LEU A 373 32.07 11.58 7.30
C LEU A 373 32.17 12.69 8.35
N THR A 374 33.05 13.67 8.13
CA THR A 374 33.19 14.76 9.10
C THR A 374 31.93 15.63 9.12
N SER A 375 31.35 15.89 7.95
CA SER A 375 30.21 16.78 7.87
C SER A 375 29.00 16.22 8.64
N ILE A 376 28.70 14.94 8.44
CA ILE A 376 27.59 14.34 9.16
C ILE A 376 27.92 14.13 10.64
N SER A 377 29.20 14.15 11.00
CA SER A 377 29.58 13.99 12.39
C SER A 377 29.31 15.27 13.18
N ARG A 378 29.69 16.42 12.61
CA ARG A 378 29.43 17.70 13.25
C ARG A 378 27.93 17.93 13.42
N THR A 379 27.16 17.64 12.36
CA THR A 379 25.72 17.90 12.38
C THR A 379 25.05 17.21 13.56
N ALA A 380 25.44 15.97 13.85
CA ALA A 380 24.83 15.26 14.97
C ALA A 380 25.28 15.85 16.31
N HIS A 381 26.58 16.08 16.46
CA HIS A 381 27.09 16.58 17.74
C HIS A 381 26.62 18.01 18.00
N ASN A 382 26.55 18.84 16.96
CA ASN A 382 26.05 20.20 17.13
C ASN A 382 24.62 20.20 17.66
N LEU A 383 23.84 19.20 17.31
CA LEU A 383 22.50 19.01 17.85
C LEU A 383 22.49 18.22 19.15
N GLY A 384 23.66 17.87 19.68
CA GLY A 384 23.72 17.10 20.91
C GLY A 384 23.35 15.65 20.75
N ILE A 385 23.63 15.07 19.58
CA ILE A 385 23.27 13.70 19.27
C ILE A 385 24.54 12.84 19.29
N THR A 386 24.49 11.73 20.02
CA THR A 386 25.63 10.84 20.13
C THR A 386 25.89 10.14 18.81
N THR A 387 27.14 10.14 18.36
CA THR A 387 27.54 9.44 17.15
C THR A 387 28.22 8.12 17.53
N ILE A 388 27.88 7.06 16.80
CA ILE A 388 28.39 5.72 17.05
C ILE A 388 28.98 5.18 15.76
N ALA A 389 30.25 4.83 15.78
CA ALA A 389 30.87 4.13 14.66
C ALA A 389 30.48 2.67 14.69
N SER A 390 30.33 2.09 13.51
CA SER A 390 29.72 0.77 13.37
C SER A 390 30.67 -0.20 12.69
N ARG A 391 30.70 -1.43 13.22
CA ARG A 391 31.42 -2.55 12.60
C ARG A 391 32.92 -2.25 12.46
N VAL A 392 33.51 -1.75 13.54
CA VAL A 392 34.94 -1.46 13.57
C VAL A 392 35.70 -2.74 13.86
N GLU A 393 36.59 -3.12 12.93
CA GLU A 393 37.33 -4.37 13.01
C GLU A 393 38.79 -4.20 13.38
N THR A 394 39.45 -3.14 12.91
CA THR A 394 40.89 -3.01 13.04
C THR A 394 41.25 -1.74 13.79
N GLN A 395 42.47 -1.73 14.36
CA GLN A 395 42.99 -0.53 14.97
C GLN A 395 43.19 0.57 13.95
N THR A 396 43.50 0.21 12.70
CA THR A 396 43.58 1.18 11.63
C THR A 396 42.24 1.89 11.43
N GLN A 397 41.15 1.12 11.39
CA GLN A 397 39.82 1.71 11.33
C GLN A 397 39.54 2.53 12.58
N LEU A 398 39.88 2.01 13.75
CA LEU A 398 39.64 2.71 15.00
C LEU A 398 40.40 4.03 15.05
N ASP A 399 41.66 4.02 14.62
CA ASP A 399 42.45 5.25 14.65
C ASP A 399 41.96 6.26 13.61
N PHE A 400 41.55 5.77 12.43
CA PHE A 400 41.08 6.68 11.40
C PHE A 400 39.74 7.32 11.78
N LEU A 401 38.86 6.56 12.42
CA LEU A 401 37.60 7.13 12.91
C LEU A 401 37.83 8.11 14.04
N SER A 402 38.98 8.04 14.72
CA SER A 402 39.24 8.95 15.83
C SER A 402 39.40 10.39 15.36
N GLU A 403 39.90 10.60 14.14
CA GLU A 403 40.08 11.94 13.62
C GLU A 403 38.76 12.64 13.31
N HIS A 404 37.63 11.96 13.41
CA HIS A 404 36.32 12.54 13.15
C HIS A 404 35.48 12.68 14.41
N PHE A 405 36.14 12.79 15.57
CA PHE A 405 35.51 12.96 16.89
C PHE A 405 34.23 12.13 17.03
N ILE A 406 34.38 10.82 16.85
CA ILE A 406 33.29 9.87 17.11
C ILE A 406 33.30 9.55 18.60
N GLU A 407 32.11 9.60 19.23
CA GLU A 407 32.05 9.46 20.67
C GLU A 407 32.20 8.01 21.12
N VAL A 408 31.38 7.11 20.58
CA VAL A 408 31.39 5.71 20.98
C VAL A 408 31.60 4.84 19.76
N PHE A 409 32.16 3.64 19.98
CA PHE A 409 32.53 2.73 18.90
C PHE A 409 31.94 1.35 19.18
N GLN A 410 31.71 0.61 18.10
CA GLN A 410 31.13 -0.72 18.18
C GLN A 410 31.76 -1.61 17.11
N GLY A 411 31.99 -2.86 17.44
CA GLY A 411 32.57 -3.78 16.49
C GLY A 411 33.40 -4.84 17.20
N PHE A 412 34.04 -5.69 16.38
CA PHE A 412 34.80 -6.81 16.92
C PHE A 412 36.08 -6.35 17.60
N ILE A 413 36.63 -5.21 17.20
CA ILE A 413 37.86 -4.72 17.84
C ILE A 413 37.58 -4.15 19.22
N VAL A 414 36.36 -3.67 19.48
CA VAL A 414 35.98 -3.25 20.82
C VAL A 414 35.51 -4.42 21.66
N ASP A 415 35.36 -5.60 21.06
CA ASP A 415 34.84 -6.82 21.69
C ASP A 415 33.36 -6.64 22.05
N ALA B 2 -0.25 -27.57 -42.64
CA ALA B 2 0.19 -26.20 -42.39
C ALA B 2 -0.98 -25.32 -42.00
N PHE B 3 -2.19 -25.66 -42.48
CA PHE B 3 -3.37 -24.90 -42.13
C PHE B 3 -3.74 -25.11 -40.66
N LYS B 4 -3.79 -26.38 -40.22
CA LYS B 4 -4.07 -26.66 -38.83
C LYS B 4 -2.94 -26.17 -37.93
N ALA B 5 -1.71 -26.18 -38.43
CA ALA B 5 -0.58 -25.70 -37.64
C ALA B 5 -0.66 -24.19 -37.46
N GLN B 6 -0.95 -23.45 -38.54
CA GLN B 6 -1.06 -22.00 -38.43
C GLN B 6 -2.19 -21.60 -37.50
N ALA B 7 -3.28 -22.36 -37.50
CA ALA B 7 -4.41 -22.03 -36.63
C ALA B 7 -4.05 -22.24 -35.16
N LYS B 8 -3.27 -23.27 -34.87
CA LYS B 8 -2.83 -23.49 -33.49
C LYS B 8 -1.87 -22.42 -33.02
N GLU B 9 -0.90 -22.05 -33.87
CA GLU B 9 0.05 -21.01 -33.50
C GLU B 9 -0.67 -19.68 -33.26
N ALA B 10 -1.62 -19.34 -34.14
CA ALA B 10 -2.37 -18.10 -33.95
C ALA B 10 -3.27 -18.17 -32.73
N GLN B 11 -3.90 -19.33 -32.50
CA GLN B 11 -4.80 -19.46 -31.36
C GLN B 11 -4.03 -19.42 -30.04
N GLN B 12 -2.88 -20.09 -29.98
CA GLN B 12 -2.07 -20.06 -28.77
C GLN B 12 -1.48 -18.67 -28.53
N LEU B 13 -1.02 -18.00 -29.59
CA LEU B 13 -0.61 -16.61 -29.46
C LEU B 13 -1.76 -15.75 -28.96
N ARG B 14 -2.95 -15.94 -29.54
CA ARG B 14 -4.13 -15.24 -29.05
C ARG B 14 -4.45 -15.61 -27.62
N GLU B 15 -4.19 -16.87 -27.23
CA GLU B 15 -4.48 -17.29 -25.87
C GLU B 15 -3.53 -16.64 -24.88
N ARG B 16 -2.25 -16.56 -25.21
CA ARG B 16 -1.30 -15.89 -24.31
C ARG B 16 -1.59 -14.40 -24.22
N ALA B 17 -2.10 -13.79 -25.28
CA ALA B 17 -2.26 -12.35 -25.30
C ALA B 17 -3.56 -11.91 -24.65
N TYR B 18 -4.63 -12.70 -24.79
CA TYR B 18 -5.97 -12.24 -24.44
C TYR B 18 -6.64 -13.04 -23.34
N LEU B 19 -5.99 -14.05 -22.75
CA LEU B 19 -6.60 -14.88 -21.73
C LEU B 19 -5.98 -14.57 -20.38
N ASP B 20 -6.84 -14.30 -19.38
CA ASP B 20 -6.40 -14.15 -18.01
C ASP B 20 -6.35 -15.53 -17.36
N PRO B 21 -5.18 -16.01 -16.94
CA PRO B 21 -5.10 -17.38 -16.40
C PRO B 21 -5.93 -17.59 -15.15
N VAL B 22 -6.09 -16.57 -14.31
CA VAL B 22 -6.82 -16.73 -13.06
C VAL B 22 -8.31 -16.90 -13.33
N SER B 23 -8.93 -15.89 -13.95
CA SER B 23 -10.37 -15.90 -14.17
C SER B 23 -10.79 -16.80 -15.32
N HIS B 24 -9.86 -17.20 -16.19
CA HIS B 24 -10.18 -17.94 -17.41
C HIS B 24 -11.12 -17.15 -18.31
N LEU B 25 -11.05 -15.82 -18.22
CA LEU B 25 -11.77 -14.90 -19.09
C LEU B 25 -10.77 -14.08 -19.89
N GLY B 26 -11.29 -13.19 -20.71
CA GLY B 26 -10.43 -12.24 -21.38
C GLY B 26 -9.78 -11.30 -20.38
N ASN B 27 -8.56 -10.88 -20.71
CA ASN B 27 -7.84 -9.95 -19.86
C ASN B 27 -8.21 -8.52 -20.26
N ARG B 28 -7.46 -7.54 -19.75
CA ARG B 28 -7.75 -6.14 -20.06
C ARG B 28 -7.55 -5.85 -21.55
N ALA B 29 -6.44 -6.35 -22.12
CA ALA B 29 -6.15 -6.09 -23.53
C ALA B 29 -7.24 -6.66 -24.43
N TYR B 30 -7.78 -7.84 -24.07
CA TYR B 30 -8.90 -8.39 -24.82
C TYR B 30 -10.12 -7.48 -24.74
N TYR B 31 -10.38 -6.92 -23.55
CA TYR B 31 -11.57 -6.08 -23.38
C TYR B 31 -11.45 -4.79 -24.17
N MET B 32 -10.28 -4.14 -24.12
CA MET B 32 -10.08 -2.92 -24.89
C MET B 32 -10.20 -3.19 -26.38
N SER B 33 -9.75 -4.37 -26.83
CA SER B 33 -9.89 -4.75 -28.23
C SER B 33 -11.36 -4.89 -28.61
N GLN B 34 -12.13 -5.62 -27.79
CA GLN B 34 -13.55 -5.80 -28.09
C GLN B 34 -14.30 -4.48 -28.01
N LEU B 35 -13.92 -3.62 -27.07
CA LEU B 35 -14.58 -2.32 -26.94
C LEU B 35 -14.24 -1.42 -28.11
N SER B 36 -12.95 -1.34 -28.47
CA SER B 36 -12.53 -0.50 -29.58
C SER B 36 -13.11 -1.00 -30.91
N GLY B 37 -13.25 -2.32 -31.06
CA GLY B 37 -13.86 -2.83 -32.28
C GLY B 37 -15.35 -2.63 -32.32
N TRP B 38 -16.02 -2.79 -31.17
CA TRP B 38 -17.46 -2.56 -31.11
C TRP B 38 -17.80 -1.10 -31.36
N LEU B 39 -17.00 -0.19 -30.81
CA LEU B 39 -17.22 1.24 -31.04
C LEU B 39 -17.01 1.60 -32.50
N SER B 40 -15.90 1.14 -33.09
CA SER B 40 -15.58 1.47 -34.47
C SER B 40 -16.51 0.78 -35.47
N GLU B 41 -17.17 -0.30 -35.07
CA GLU B 41 -18.12 -0.97 -35.97
C GLU B 41 -19.50 -0.34 -35.86
N SER B 42 -20.12 -0.44 -34.69
CA SER B 42 -21.49 0.01 -34.48
C SER B 42 -21.60 1.02 -33.34
N GLY B 43 -21.16 0.68 -32.14
CA GLY B 43 -21.36 1.55 -31.01
C GLY B 43 -22.76 1.52 -30.42
N ILE B 44 -23.61 0.62 -30.90
CA ILE B 44 -24.98 0.51 -30.40
C ILE B 44 -25.00 -0.55 -29.30
N GLY B 45 -25.47 -0.16 -28.12
CA GLY B 45 -25.56 -1.07 -27.01
C GLY B 45 -25.07 -0.39 -25.74
N GLY B 46 -24.75 -1.21 -24.74
CA GLY B 46 -24.33 -0.70 -23.46
C GLY B 46 -23.04 -1.36 -23.00
N VAL B 47 -22.48 -0.79 -21.93
CA VAL B 47 -21.23 -1.24 -21.36
C VAL B 47 -21.34 -1.17 -19.84
N ALA B 48 -20.68 -2.09 -19.16
CA ALA B 48 -20.86 -2.26 -17.72
C ALA B 48 -19.55 -2.65 -17.06
N ILE B 49 -19.42 -2.28 -15.78
CA ILE B 49 -18.27 -2.63 -14.96
C ILE B 49 -18.77 -3.18 -13.64
N LEU B 50 -18.20 -4.31 -13.21
CA LEU B 50 -18.53 -4.94 -11.94
C LEU B 50 -17.28 -5.00 -11.09
N GLN B 51 -17.34 -4.38 -9.91
CA GLN B 51 -16.21 -4.37 -8.98
C GLN B 51 -16.53 -5.27 -7.80
N ALA B 52 -15.67 -6.25 -7.55
CA ALA B 52 -15.82 -7.18 -6.43
C ALA B 52 -14.88 -6.74 -5.31
N GLU B 53 -15.35 -5.80 -4.50
CA GLU B 53 -14.57 -5.33 -3.36
C GLU B 53 -14.37 -6.43 -2.33
N PHE B 54 -15.29 -7.40 -2.26
CA PHE B 54 -15.14 -8.49 -1.31
C PHE B 54 -13.99 -9.41 -1.70
N ILE B 55 -13.63 -9.45 -2.98
CA ILE B 55 -12.47 -10.25 -3.39
C ILE B 55 -11.17 -9.59 -2.94
N LYS B 56 -11.14 -8.25 -2.92
CA LYS B 56 -9.98 -7.56 -2.35
C LYS B 56 -9.85 -7.87 -0.87
N GLU B 57 -10.98 -7.95 -0.16
CA GLU B 57 -10.94 -8.38 1.24
C GLU B 57 -10.42 -9.80 1.38
N LEU B 58 -10.69 -10.65 0.38
CA LEU B 58 -10.34 -12.06 0.48
C LEU B 58 -8.84 -12.32 0.28
N TYR B 59 -8.18 -11.53 -0.57
CA TYR B 59 -6.78 -11.80 -0.88
C TYR B 59 -5.90 -11.66 0.34
N GLU B 60 -6.10 -10.59 1.12
CA GLU B 60 -5.31 -10.44 2.35
C GLU B 60 -5.82 -11.36 3.45
N GLU B 61 -7.12 -11.64 3.47
CA GLU B 61 -7.70 -12.42 4.56
C GLU B 61 -7.31 -13.88 4.48
N LYS B 62 -7.43 -14.49 3.30
CA LYS B 62 -7.25 -15.93 3.14
C LYS B 62 -6.11 -16.29 2.20
N GLY B 63 -5.24 -15.34 1.87
CA GLY B 63 -4.16 -15.60 0.95
C GLY B 63 -4.57 -15.42 -0.50
N TYR B 64 -3.68 -15.83 -1.40
CA TYR B 64 -3.94 -15.72 -2.83
C TYR B 64 -4.60 -16.96 -3.42
N GLU B 65 -4.46 -18.12 -2.78
CA GLU B 65 -5.14 -19.31 -3.28
C GLU B 65 -6.65 -19.14 -3.22
N ALA B 66 -7.16 -18.60 -2.12
CA ALA B 66 -8.59 -18.34 -2.01
C ALA B 66 -9.01 -17.15 -2.87
N GLY B 67 -8.12 -16.17 -3.02
CA GLY B 67 -8.43 -15.03 -3.88
C GLY B 67 -8.53 -15.43 -5.35
N ASP B 68 -7.61 -16.27 -5.82
CA ASP B 68 -7.69 -16.77 -7.18
C ASP B 68 -8.95 -17.61 -7.38
N GLY B 69 -9.30 -18.42 -6.38
CA GLY B 69 -10.48 -19.28 -6.50
C GLY B 69 -11.77 -18.49 -6.58
N MET B 70 -11.86 -17.39 -5.83
CA MET B 70 -13.07 -16.57 -5.87
C MET B 70 -13.19 -15.84 -7.20
N VAL B 71 -12.05 -15.41 -7.77
CA VAL B 71 -12.08 -14.79 -9.09
C VAL B 71 -12.58 -15.76 -10.14
N ARG B 72 -12.12 -17.01 -10.08
CA ARG B 72 -12.59 -18.02 -11.02
C ARG B 72 -14.06 -18.33 -10.81
N GLU B 73 -14.49 -18.44 -9.55
CA GLU B 73 -15.89 -18.76 -9.25
C GLU B 73 -16.82 -17.70 -9.82
N LEU B 74 -16.51 -16.43 -9.57
CA LEU B 74 -17.33 -15.35 -10.12
C LEU B 74 -17.24 -15.31 -11.65
N ALA B 75 -16.07 -15.63 -12.20
CA ALA B 75 -15.90 -15.62 -13.65
C ALA B 75 -16.75 -16.72 -14.30
N ASP B 76 -16.71 -17.93 -13.74
CA ASP B 76 -17.56 -19.00 -14.26
C ASP B 76 -19.03 -18.67 -14.07
N ARG B 77 -19.37 -18.04 -12.95
CA ARG B 77 -20.76 -17.65 -12.70
C ARG B 77 -21.22 -16.61 -13.72
N LEU B 78 -20.35 -15.68 -14.08
CA LEU B 78 -20.74 -14.61 -14.99
C LEU B 78 -21.01 -15.14 -16.40
N LYS B 79 -20.12 -15.99 -16.91
CA LYS B 79 -20.23 -16.40 -18.31
C LYS B 79 -21.37 -17.39 -18.52
N ASN B 80 -21.62 -18.26 -17.55
CA ASN B 80 -22.66 -19.27 -17.72
C ASN B 80 -24.06 -18.72 -17.49
N SER B 81 -24.19 -17.61 -16.76
CA SER B 81 -25.51 -17.09 -16.42
C SER B 81 -26.06 -16.15 -17.47
N ILE B 82 -25.25 -15.22 -17.95
CA ILE B 82 -25.65 -14.32 -19.03
C ILE B 82 -25.47 -15.05 -20.36
N THR B 83 -26.55 -15.12 -21.14
CA THR B 83 -26.60 -15.99 -22.32
C THR B 83 -27.09 -15.20 -23.54
N ILE B 84 -26.34 -14.17 -23.92
CA ILE B 84 -26.69 -13.33 -25.06
C ILE B 84 -25.47 -13.20 -25.97
N LYS B 85 -25.74 -12.84 -27.23
CA LYS B 85 -24.74 -12.90 -28.29
C LYS B 85 -23.79 -11.71 -28.23
N ASP B 86 -22.56 -11.94 -28.72
CA ASP B 86 -21.51 -10.92 -28.80
C ASP B 86 -21.25 -10.25 -27.46
N ILE B 87 -21.42 -11.00 -26.38
CA ILE B 87 -21.19 -10.48 -25.03
C ILE B 87 -19.72 -10.70 -24.67
N SER B 88 -19.00 -9.62 -24.43
CA SER B 88 -17.61 -9.70 -23.99
C SER B 88 -17.59 -9.71 -22.46
N ILE B 89 -16.97 -10.73 -21.89
CA ILE B 89 -16.77 -10.83 -20.44
C ILE B 89 -15.27 -10.89 -20.20
N ALA B 90 -14.74 -9.91 -19.49
CA ALA B 90 -13.30 -9.80 -19.29
C ALA B 90 -13.00 -9.33 -17.89
N ARG B 91 -11.75 -9.56 -17.47
CA ARG B 91 -11.22 -9.08 -16.21
C ARG B 91 -10.28 -7.91 -16.54
N ILE B 92 -10.82 -6.70 -16.48
CA ILE B 92 -10.06 -5.53 -16.94
C ILE B 92 -9.09 -5.01 -15.88
N SER B 93 -9.29 -5.35 -14.61
CA SER B 93 -8.36 -5.01 -13.55
C SER B 93 -8.41 -6.10 -12.49
N THR B 94 -7.69 -5.87 -11.39
CA THR B 94 -7.52 -6.94 -10.40
C THR B 94 -8.86 -7.36 -9.79
N TYR B 95 -9.72 -6.40 -9.45
CA TYR B 95 -10.95 -6.68 -8.75
C TYR B 95 -12.21 -6.27 -9.50
N GLU B 96 -12.11 -5.89 -10.77
CA GLU B 96 -13.26 -5.47 -11.52
C GLU B 96 -13.34 -6.17 -12.88
N PHE B 97 -14.57 -6.45 -13.30
CA PHE B 97 -14.86 -7.11 -14.56
C PHE B 97 -15.54 -6.14 -15.51
N GLY B 98 -15.17 -6.21 -16.78
CA GLY B 98 -15.78 -5.39 -17.83
C GLY B 98 -16.69 -6.24 -18.70
N ILE B 99 -17.80 -5.65 -19.13
CA ILE B 99 -18.81 -6.34 -19.93
C ILE B 99 -19.28 -5.41 -21.03
N ILE B 100 -19.38 -5.93 -22.25
CA ILE B 100 -19.92 -5.21 -23.39
C ILE B 100 -21.21 -5.89 -23.81
N MET B 101 -22.29 -5.11 -23.95
CA MET B 101 -23.61 -5.62 -24.33
C MET B 101 -24.08 -4.87 -25.58
N PRO B 102 -23.75 -5.37 -26.77
CA PRO B 102 -24.14 -4.68 -27.99
C PRO B 102 -25.59 -4.93 -28.39
N ASN B 103 -26.15 -3.97 -29.12
CA ASN B 103 -27.49 -4.08 -29.69
C ASN B 103 -28.55 -4.21 -28.58
N MET B 104 -28.44 -3.36 -27.56
CA MET B 104 -29.38 -3.36 -26.45
C MET B 104 -29.78 -1.93 -26.12
N ASP B 105 -31.09 -1.72 -25.91
CA ASP B 105 -31.57 -0.44 -25.44
C ASP B 105 -31.52 -0.43 -23.92
N GLU B 106 -32.08 0.61 -23.30
CA GLU B 106 -31.90 0.80 -21.86
C GLU B 106 -32.58 -0.31 -21.05
N THR B 107 -33.81 -0.67 -21.41
CA THR B 107 -34.54 -1.66 -20.63
C THR B 107 -33.86 -3.03 -20.68
N GLU B 108 -33.26 -3.37 -21.82
CA GLU B 108 -32.53 -4.63 -21.92
C GLU B 108 -31.24 -4.60 -21.12
N LEU B 109 -30.56 -3.45 -21.10
CA LEU B 109 -29.37 -3.32 -20.27
C LEU B 109 -29.72 -3.46 -18.79
N LYS B 110 -30.88 -2.95 -18.40
CA LYS B 110 -31.25 -2.99 -16.98
C LYS B 110 -31.63 -4.39 -16.54
N ILE B 111 -32.24 -5.18 -17.42
CA ILE B 111 -32.56 -6.56 -17.05
C ILE B 111 -31.30 -7.42 -17.06
N VAL B 112 -30.32 -7.07 -17.90
CA VAL B 112 -29.03 -7.76 -17.86
C VAL B 112 -28.27 -7.36 -16.60
N ALA B 113 -28.30 -6.08 -16.24
CA ALA B 113 -27.66 -5.64 -15.00
C ALA B 113 -28.35 -6.26 -13.79
N GLU B 114 -29.67 -6.40 -13.85
CA GLU B 114 -30.38 -7.07 -12.76
C GLU B 114 -30.02 -8.54 -12.68
N SER B 115 -29.75 -9.17 -13.83
CA SER B 115 -29.33 -10.57 -13.83
C SER B 115 -27.92 -10.74 -13.27
N ILE B 116 -27.05 -9.75 -13.48
CA ILE B 116 -25.69 -9.85 -12.98
C ILE B 116 -25.66 -9.94 -11.46
N ILE B 117 -26.36 -9.01 -10.79
CA ILE B 117 -26.27 -8.92 -9.34
C ILE B 117 -26.89 -10.16 -8.69
N THR B 118 -28.07 -10.56 -9.16
CA THR B 118 -28.68 -11.79 -8.66
C THR B 118 -27.82 -13.02 -8.99
N CYS B 119 -26.97 -12.93 -10.02
CA CYS B 119 -26.04 -14.01 -10.33
C CYS B 119 -24.90 -14.09 -9.31
N VAL B 120 -24.60 -12.99 -8.60
CA VAL B 120 -23.56 -12.99 -7.58
C VAL B 120 -24.14 -13.05 -6.17
N ASP B 121 -25.46 -13.02 -6.02
CA ASP B 121 -26.08 -13.27 -4.72
C ASP B 121 -26.13 -14.76 -4.39
N ASP B 122 -26.10 -15.63 -5.41
CA ASP B 122 -26.25 -17.06 -5.16
C ASP B 122 -25.08 -17.63 -4.39
N ILE B 123 -23.86 -17.25 -4.74
CA ILE B 123 -22.66 -17.90 -4.20
C ILE B 123 -22.16 -17.19 -2.95
N ASN B 124 -22.17 -15.87 -2.92
CA ASN B 124 -21.68 -15.13 -1.76
C ASN B 124 -22.74 -14.14 -1.26
N ASN B 134 -21.26 -7.76 -1.32
CA ASN B 134 -20.37 -6.62 -1.17
C ASN B 134 -19.67 -6.30 -2.49
N LEU B 135 -20.42 -5.68 -3.40
CA LEU B 135 -19.89 -5.32 -4.71
C LEU B 135 -20.63 -4.10 -5.23
N SER B 136 -20.16 -3.59 -6.37
CA SER B 136 -20.79 -2.45 -7.02
C SER B 136 -20.82 -2.69 -8.52
N LEU B 137 -21.92 -2.29 -9.15
CA LEU B 137 -22.10 -2.47 -10.59
C LEU B 137 -22.41 -1.11 -11.22
N GLY B 138 -21.59 -0.72 -12.19
CA GLY B 138 -21.87 0.49 -12.93
C GLY B 138 -22.15 0.18 -14.39
N VAL B 139 -23.22 0.76 -14.94
CA VAL B 139 -23.61 0.49 -16.30
C VAL B 139 -23.86 1.82 -17.03
N VAL B 140 -23.46 1.90 -18.29
CA VAL B 140 -23.75 3.05 -19.13
C VAL B 140 -24.29 2.57 -20.46
N SER B 141 -25.23 3.34 -21.02
CA SER B 141 -25.77 3.07 -22.34
C SER B 141 -25.17 4.07 -23.33
N ASN B 142 -24.64 3.56 -24.43
CA ASN B 142 -23.95 4.41 -25.41
C ASN B 142 -24.98 5.08 -26.32
N LYS B 143 -25.20 6.37 -26.12
CA LYS B 143 -26.10 7.16 -26.96
C LYS B 143 -25.36 8.25 -27.73
N ARG B 144 -24.04 8.21 -27.77
CA ARG B 144 -23.24 9.17 -28.51
C ARG B 144 -22.11 8.43 -29.23
N GLN B 145 -21.47 9.15 -30.15
CA GLN B 145 -20.23 8.68 -30.77
C GLN B 145 -19.10 8.94 -29.77
N SER B 146 -18.66 7.89 -29.09
CA SER B 146 -17.76 8.02 -27.95
C SER B 146 -16.47 7.26 -28.19
N SER B 147 -15.37 7.82 -27.68
CA SER B 147 -14.07 7.15 -27.72
C SER B 147 -14.00 6.11 -26.60
N THR B 148 -12.86 5.40 -26.54
CA THR B 148 -12.71 4.37 -25.51
C THR B 148 -12.46 5.00 -24.14
N THR B 149 -11.62 6.04 -24.07
CA THR B 149 -11.39 6.73 -22.81
C THR B 149 -12.68 7.33 -22.27
N THR B 150 -13.57 7.79 -23.15
CA THR B 150 -14.85 8.36 -22.70
C THR B 150 -15.69 7.31 -21.98
N LEU B 151 -15.82 6.13 -22.57
CA LEU B 151 -16.62 5.08 -21.95
C LEU B 151 -16.00 4.61 -20.64
N LEU B 152 -14.68 4.52 -20.58
CA LEU B 152 -14.02 4.14 -19.33
C LEU B 152 -14.26 5.20 -18.25
N SER B 153 -14.23 6.47 -18.63
CA SER B 153 -14.55 7.53 -17.67
C SER B 153 -16.00 7.45 -17.23
N LEU B 154 -16.92 7.25 -18.18
CA LEU B 154 -18.32 7.05 -17.84
C LEU B 154 -18.50 5.81 -16.97
N LEU B 155 -17.79 4.74 -17.30
CA LEU B 155 -17.87 3.50 -16.52
C LEU B 155 -17.38 3.73 -15.10
N ASP B 156 -16.35 4.55 -14.93
CA ASP B 156 -15.80 4.80 -13.60
C ASP B 156 -16.73 5.71 -12.79
N ASN B 157 -17.31 6.72 -13.44
CA ASN B 157 -18.24 7.60 -12.75
C ASN B 157 -19.55 6.90 -12.42
N ALA B 158 -19.99 5.97 -13.28
CA ALA B 158 -21.18 5.20 -12.98
C ALA B 158 -20.95 4.26 -11.80
N LEU B 159 -19.75 3.68 -11.73
CA LEU B 159 -19.40 2.83 -10.60
C LEU B 159 -19.38 3.64 -9.30
N ALA B 160 -18.87 4.87 -9.37
CA ALA B 160 -18.87 5.72 -8.19
C ALA B 160 -20.30 6.08 -7.77
N LYS B 161 -21.18 6.27 -8.74
CA LYS B 161 -22.58 6.54 -8.44
C LYS B 161 -23.21 5.36 -7.69
N ALA B 162 -22.84 4.14 -8.05
CA ALA B 162 -23.37 2.97 -7.38
C ALA B 162 -22.86 2.87 -5.95
N LYS B 163 -21.59 3.23 -5.73
CA LYS B 163 -21.03 3.15 -4.39
C LYS B 163 -21.59 4.23 -3.48
N SER B 164 -21.75 5.44 -4.00
CA SER B 164 -22.25 6.55 -3.19
C SER B 164 -23.75 6.46 -2.90
N ASN B 165 -24.47 5.57 -3.58
CA ASN B 165 -25.89 5.34 -3.33
C ASN B 165 -26.12 3.84 -3.25
N PRO B 166 -25.82 3.22 -2.10
CA PRO B 166 -25.92 1.76 -2.00
C PRO B 166 -27.34 1.22 -2.04
N GLU B 167 -28.38 2.06 -1.96
CA GLU B 167 -29.73 1.56 -2.15
C GLU B 167 -29.99 1.16 -3.59
N LEU B 168 -29.22 1.71 -4.54
CA LEU B 168 -29.31 1.29 -5.92
C LEU B 168 -28.62 -0.05 -6.11
N ASN B 169 -29.26 -0.95 -6.86
CA ASN B 169 -28.60 -2.20 -7.23
C ASN B 169 -27.39 -1.90 -8.11
N TYR B 170 -27.50 -0.88 -8.96
CA TYR B 170 -26.41 -0.51 -9.87
C TYR B 170 -26.50 0.98 -10.17
N GLY B 171 -25.39 1.53 -10.62
CA GLY B 171 -25.34 2.92 -11.05
C GLY B 171 -25.47 3.01 -12.55
N PHE B 172 -26.47 3.77 -13.00
CA PHE B 172 -26.78 3.91 -14.41
C PHE B 172 -26.53 5.35 -14.85
N ILE B 173 -25.75 5.52 -15.91
CA ILE B 173 -25.51 6.81 -16.54
C ILE B 173 -25.73 6.66 -18.04
N SER B 174 -26.44 7.59 -18.64
CA SER B 174 -26.60 7.63 -20.08
C SER B 174 -25.44 8.41 -20.69
N SER B 175 -24.98 7.97 -21.88
CA SER B 175 -23.83 8.59 -22.50
C SER B 175 -24.06 10.06 -22.84
N ASP B 176 -25.31 10.47 -23.00
CA ASP B 176 -25.63 11.85 -23.35
C ASP B 176 -25.94 12.73 -22.15
N THR B 177 -25.63 12.25 -20.94
CA THR B 177 -26.03 12.95 -19.71
C THR B 177 -25.42 14.34 -19.66
N ASP B 178 -26.12 15.25 -18.98
CA ASP B 178 -25.60 16.60 -18.77
C ASP B 178 -24.59 16.66 -17.64
N LYS B 179 -24.51 15.61 -16.81
CA LYS B 179 -23.57 15.60 -15.70
C LYS B 179 -22.14 15.60 -16.23
N ILE B 180 -21.26 16.27 -15.47
CA ILE B 180 -19.85 16.35 -15.83
C ILE B 180 -19.18 15.02 -15.49
N ILE B 181 -18.65 14.35 -16.51
CA ILE B 181 -18.01 13.06 -16.37
C ILE B 181 -16.53 13.24 -16.64
N LEU B 182 -15.69 12.86 -15.66
CA LEU B 182 -14.26 13.08 -15.74
C LEU B 182 -13.52 11.83 -15.28
N GLY B 183 -12.31 11.66 -15.81
CA GLY B 183 -11.43 10.62 -15.32
C GLY B 183 -10.89 10.95 -13.94
N LYS B 184 -10.19 9.97 -13.35
CA LYS B 184 -9.71 10.12 -11.99
C LYS B 184 -8.77 11.30 -11.85
N GLN B 185 -7.79 11.42 -12.77
CA GLN B 185 -6.85 12.52 -12.69
C GLN B 185 -7.49 13.85 -13.05
N GLN B 186 -8.50 13.83 -13.91
CA GLN B 186 -9.21 15.08 -14.24
C GLN B 186 -10.00 15.59 -13.05
N TRP B 187 -10.66 14.69 -12.31
CA TRP B 187 -11.34 15.09 -11.08
C TRP B 187 -10.36 15.67 -10.07
N LYS B 188 -9.22 15.01 -9.89
CA LYS B 188 -8.21 15.50 -8.95
C LYS B 188 -7.71 16.88 -9.35
N THR B 189 -7.56 17.12 -10.66
CA THR B 189 -7.14 18.44 -11.12
C THR B 189 -8.20 19.49 -10.82
N LEU B 190 -9.47 19.16 -11.01
CA LEU B 190 -10.53 20.12 -10.77
C LEU B 190 -10.64 20.48 -9.29
N VAL B 191 -10.47 19.49 -8.40
CA VAL B 191 -10.55 19.75 -6.98
C VAL B 191 -9.41 20.66 -6.53
N GLU B 192 -8.20 20.37 -6.99
CA GLU B 192 -7.05 21.23 -6.65
C GLU B 192 -7.27 22.65 -7.15
N GLU B 193 -7.89 22.79 -8.32
CA GLU B 193 -8.20 24.12 -8.84
C GLU B 193 -9.18 24.84 -7.93
N ALA B 194 -10.19 24.12 -7.44
CA ALA B 194 -11.17 24.74 -6.53
C ALA B 194 -10.54 25.09 -5.20
N ILE B 195 -9.60 24.26 -4.73
CA ILE B 195 -8.91 24.55 -3.47
C ILE B 195 -8.03 25.79 -3.62
N HIS B 196 -7.38 25.94 -4.77
CA HIS B 196 -6.47 27.06 -4.97
C HIS B 196 -7.20 28.40 -5.00
N ASN B 197 -8.41 28.42 -5.57
CA ASN B 197 -9.17 29.65 -5.72
C ASN B 197 -10.27 29.79 -4.68
N ASP B 198 -10.35 28.88 -3.71
CA ASP B 198 -11.39 28.90 -2.68
C ASP B 198 -12.78 28.97 -3.30
N TRP B 199 -13.03 28.07 -4.26
CA TRP B 199 -14.33 27.95 -4.90
C TRP B 199 -15.34 27.19 -4.06
N PHE B 200 -14.97 26.79 -2.85
CA PHE B 200 -15.81 25.89 -2.07
C PHE B 200 -16.89 26.66 -1.30
N THR B 201 -18.07 26.06 -1.21
CA THR B 201 -19.15 26.53 -0.37
C THR B 201 -19.52 25.45 0.63
N PHE B 202 -20.07 25.86 1.77
CA PHE B 202 -20.35 24.94 2.86
C PHE B 202 -21.77 25.11 3.36
N ARG B 203 -22.40 24.00 3.74
CA ARG B 203 -23.71 23.99 4.36
C ARG B 203 -23.60 23.34 5.74
N TYR B 204 -24.35 23.85 6.70
CA TYR B 204 -24.36 23.34 8.07
C TYR B 204 -25.76 22.81 8.36
N GLN B 205 -25.88 21.49 8.56
CA GLN B 205 -27.15 20.86 8.88
C GLN B 205 -27.14 20.39 10.32
N ALA B 206 -28.14 20.82 11.09
CA ALA B 206 -28.20 20.53 12.51
C ALA B 206 -28.86 19.18 12.78
N ALA B 207 -28.30 18.44 13.73
CA ALA B 207 -28.90 17.21 14.24
C ALA B 207 -29.50 17.51 15.61
N ASN B 208 -30.82 17.41 15.71
CA ASN B 208 -31.54 17.88 16.88
C ASN B 208 -32.20 16.73 17.63
N SER B 209 -32.30 16.88 18.95
CA SER B 209 -33.02 15.94 19.79
C SER B 209 -34.52 16.16 19.63
N SER B 210 -35.30 15.34 20.35
CA SER B 210 -36.76 15.44 20.28
C SER B 210 -37.27 16.75 20.85
N TRP B 211 -36.49 17.41 21.72
CA TRP B 211 -36.90 18.67 22.31
C TRP B 211 -36.17 19.86 21.72
N GLY B 212 -35.50 19.69 20.58
CA GLY B 212 -34.90 20.80 19.87
C GLY B 212 -33.45 21.10 20.20
N LYS B 213 -32.86 20.37 21.15
CA LYS B 213 -31.44 20.57 21.44
C LYS B 213 -30.60 20.11 20.26
N THR B 214 -29.70 20.99 19.81
CA THR B 214 -28.85 20.70 18.66
C THR B 214 -27.59 19.98 19.14
N PHE B 215 -27.44 18.72 18.71
CA PHE B 215 -26.26 17.94 19.09
C PHE B 215 -25.02 18.48 18.41
N HIS B 216 -25.05 18.57 17.08
CA HIS B 216 -23.97 19.19 16.32
C HIS B 216 -24.52 19.61 14.97
N ARG B 217 -23.67 20.24 14.16
CA ARG B 217 -23.99 20.63 12.80
C ARG B 217 -22.99 19.97 11.85
N GLU B 218 -23.49 19.08 11.00
CA GLU B 218 -22.63 18.42 10.03
C GLU B 218 -22.31 19.36 8.88
N VAL B 219 -21.07 19.32 8.43
CA VAL B 219 -20.58 20.19 7.36
C VAL B 219 -20.62 19.43 6.05
N PHE B 220 -21.18 20.07 5.02
CA PHE B 220 -21.22 19.52 3.67
C PHE B 220 -20.46 20.46 2.75
N SER B 221 -19.51 19.91 1.99
CA SER B 221 -18.63 20.69 1.14
C SER B 221 -19.04 20.54 -0.32
N ALA B 222 -19.05 21.66 -1.04
CA ALA B 222 -19.29 21.69 -2.46
C ALA B 222 -18.57 22.90 -3.04
N PHE B 223 -18.36 22.89 -4.36
CA PHE B 223 -17.72 24.02 -5.01
C PHE B 223 -18.35 24.26 -6.37
N GLU B 224 -18.17 25.49 -6.86
CA GLU B 224 -18.70 25.92 -8.14
C GLU B 224 -17.57 26.41 -9.03
N LYS B 225 -17.61 25.99 -10.30
CA LYS B 225 -16.71 26.51 -11.33
C LYS B 225 -17.54 27.04 -12.48
N ASP B 226 -17.42 28.35 -12.76
CA ASP B 226 -18.18 29.08 -13.77
C ASP B 226 -19.59 28.54 -13.96
N GLY B 227 -20.39 28.56 -12.89
CA GLY B 227 -21.79 28.25 -12.97
C GLY B 227 -22.17 26.79 -12.81
N VAL B 228 -21.20 25.89 -12.67
CA VAL B 228 -21.45 24.47 -12.48
C VAL B 228 -21.12 24.10 -11.04
N ARG B 229 -22.06 23.46 -10.37
CA ARG B 229 -21.90 23.07 -8.98
C ARG B 229 -21.52 21.61 -8.87
N TYR B 230 -20.55 21.31 -8.00
CA TYR B 230 -20.03 19.97 -7.80
C TYR B 230 -20.17 19.58 -6.34
N THR B 231 -20.76 18.42 -6.09
CA THR B 231 -20.90 17.89 -4.74
C THR B 231 -19.85 16.81 -4.50
N ALA B 232 -19.70 16.45 -3.22
CA ALA B 232 -18.55 15.64 -2.82
C ALA B 232 -18.60 14.24 -3.43
N ASN B 233 -19.79 13.66 -3.54
CA ASN B 233 -19.89 12.30 -4.09
C ASN B 233 -19.56 12.23 -5.58
N GLN B 234 -19.34 13.36 -6.23
CA GLN B 234 -18.95 13.33 -7.64
C GLN B 234 -17.46 13.10 -7.82
N PHE B 235 -16.64 13.52 -6.85
CA PHE B 235 -15.19 13.45 -7.01
C PHE B 235 -14.47 12.70 -5.89
N LEU B 236 -15.15 12.38 -4.78
CA LEU B 236 -14.46 11.76 -3.66
C LEU B 236 -13.89 10.40 -4.04
N PHE B 237 -14.55 9.66 -4.94
CA PHE B 237 -14.03 8.37 -5.37
C PHE B 237 -12.70 8.54 -6.08
N ALA B 238 -12.55 9.60 -6.88
CA ALA B 238 -11.30 9.83 -7.57
C ALA B 238 -10.21 10.32 -6.63
N LEU B 239 -10.59 10.93 -5.51
CA LEU B 239 -9.59 11.41 -4.56
C LEU B 239 -9.10 10.31 -3.64
N GLU B 240 -9.96 9.33 -3.33
CA GLU B 240 -9.54 8.21 -2.47
C GLU B 240 -8.60 7.27 -3.23
N GLN B 241 -8.97 6.89 -4.45
CA GLN B 241 -7.96 6.46 -5.39
C GLN B 241 -6.99 7.63 -5.64
N LEU B 242 -5.83 7.31 -6.18
CA LEU B 242 -4.68 8.23 -6.31
C LEU B 242 -4.18 8.75 -4.96
N ASN B 243 -4.75 8.32 -3.83
CA ASN B 243 -4.25 8.67 -2.49
C ASN B 243 -4.17 10.18 -2.29
N ALA B 244 -5.27 10.89 -2.58
CA ALA B 244 -5.27 12.34 -2.54
C ALA B 244 -6.46 12.90 -1.75
N SER B 245 -7.25 12.06 -1.08
CA SER B 245 -8.41 12.57 -0.39
C SER B 245 -8.03 13.36 0.86
N HIS B 246 -6.86 13.07 1.44
CA HIS B 246 -6.44 13.80 2.64
C HIS B 246 -6.17 15.27 2.34
N ILE B 247 -5.77 15.59 1.10
CA ILE B 247 -5.59 16.99 0.72
C ILE B 247 -6.90 17.74 0.82
N PHE B 248 -7.99 17.13 0.36
CA PHE B 248 -9.31 17.76 0.41
C PHE B 248 -9.81 17.88 1.85
N ASP B 249 -9.63 16.84 2.65
CA ASP B 249 -10.10 16.87 4.04
C ASP B 249 -9.33 17.89 4.86
N GLN B 250 -8.03 18.03 4.62
CA GLN B 250 -7.24 19.03 5.34
C GLN B 250 -7.72 20.44 5.01
N TYR B 251 -8.10 20.69 3.77
CA TYR B 251 -8.62 22.00 3.40
C TYR B 251 -9.93 22.28 4.13
N VAL B 252 -10.84 21.31 4.14
CA VAL B 252 -12.11 21.49 4.84
C VAL B 252 -11.88 21.71 6.33
N ILE B 253 -10.97 20.94 6.93
CA ILE B 253 -10.67 21.10 8.34
C ILE B 253 -10.08 22.48 8.60
N GLU B 254 -9.20 22.96 7.71
CA GLU B 254 -8.62 24.29 7.87
C GLU B 254 -9.70 25.38 7.79
N ARG B 255 -10.61 25.25 6.82
CA ARG B 255 -11.65 26.27 6.66
C ARG B 255 -12.64 26.26 7.82
N VAL B 256 -12.94 25.07 8.36
CA VAL B 256 -13.89 24.99 9.47
C VAL B 256 -13.29 25.58 10.73
N ILE B 257 -12.01 25.31 11.00
CA ILE B 257 -11.37 25.84 12.20
C ILE B 257 -11.34 27.37 12.16
N GLN B 258 -11.14 27.94 10.97
CA GLN B 258 -11.17 29.40 10.84
C GLN B 258 -12.53 29.95 11.24
N GLN B 259 -13.61 29.21 10.95
CA GLN B 259 -14.93 29.65 11.37
C GLN B 259 -15.10 29.52 12.88
N LEU B 260 -14.55 28.46 13.48
CA LEU B 260 -14.69 28.26 14.92
C LEU B 260 -13.87 29.28 15.70
N GLU B 261 -12.73 29.71 15.16
CA GLU B 261 -11.92 30.71 15.84
C GLU B 261 -12.66 32.02 16.02
N LYS B 262 -13.63 32.30 15.15
CA LYS B 262 -14.40 33.53 15.25
C LYS B 262 -15.45 33.50 16.36
N GLY B 263 -15.48 32.44 17.16
CA GLY B 263 -16.32 32.41 18.35
C GLY B 263 -17.81 32.46 18.09
N GLU B 264 -18.25 32.22 16.86
CA GLU B 264 -19.66 32.33 16.54
C GLU B 264 -20.42 31.04 16.87
N LEU B 265 -19.97 29.92 16.33
CA LEU B 265 -20.66 28.65 16.49
C LEU B 265 -20.53 28.15 17.92
N THR B 266 -21.66 28.13 18.65
CA THR B 266 -21.66 27.62 20.01
C THR B 266 -21.72 26.10 20.08
N ASP B 267 -22.15 25.45 19.00
CA ASP B 267 -22.36 24.01 18.95
C ASP B 267 -21.23 23.33 18.17
N PRO B 268 -20.99 22.05 18.44
CA PRO B 268 -19.92 21.34 17.71
C PRO B 268 -20.26 21.21 16.24
N LEU B 269 -19.21 21.08 15.43
CA LEU B 269 -19.33 20.87 13.99
C LEU B 269 -18.83 19.48 13.65
N ALA B 270 -19.61 18.74 12.87
CA ALA B 270 -19.27 17.39 12.46
C ALA B 270 -18.62 17.45 11.07
N ILE B 271 -17.35 17.07 10.99
CA ILE B 271 -16.59 17.09 9.75
C ILE B 271 -16.48 15.66 9.23
N ASN B 272 -16.96 15.43 8.01
CA ASN B 272 -16.80 14.13 7.39
C ASN B 272 -15.35 13.92 6.97
N ILE B 273 -14.85 12.71 7.19
CA ILE B 273 -13.49 12.32 6.81
C ILE B 273 -13.58 11.10 5.90
N ALA B 274 -12.96 11.18 4.73
CA ALA B 274 -12.96 10.07 3.79
C ALA B 274 -12.11 8.92 4.33
N GLN B 275 -12.45 7.70 3.89
CA GLN B 275 -11.73 6.52 4.36
C GLN B 275 -10.27 6.53 3.90
N GLY B 276 -10.02 6.97 2.67
CA GLY B 276 -8.66 7.01 2.16
C GLY B 276 -7.78 8.02 2.86
N SER B 277 -8.37 9.00 3.54
CA SER B 277 -7.58 9.99 4.26
C SER B 277 -7.02 9.44 5.57
N ILE B 278 -7.79 8.57 6.24
CA ILE B 278 -7.39 8.06 7.54
C ILE B 278 -6.28 7.02 7.39
N SER B 279 -6.22 6.34 6.25
CA SER B 279 -5.15 5.38 5.99
C SER B 279 -3.89 6.04 5.45
N GLN B 280 -3.81 7.37 5.48
CA GLN B 280 -2.60 8.08 5.08
C GLN B 280 -1.89 8.58 6.34
N PRO B 281 -0.72 8.03 6.69
CA PRO B 281 -0.08 8.42 7.97
C PRO B 281 0.31 9.89 8.02
N SER B 282 0.58 10.53 6.88
CA SER B 282 0.84 11.96 6.88
C SER B 282 -0.38 12.74 7.36
N PHE B 283 -1.58 12.25 7.06
CA PHE B 283 -2.80 12.89 7.55
C PHE B 283 -2.97 12.70 9.05
N ILE B 284 -2.55 11.55 9.59
CA ILE B 284 -2.66 11.31 11.03
C ILE B 284 -1.69 12.20 11.79
N ARG B 285 -0.50 12.45 11.23
CA ARG B 285 0.40 13.42 11.83
C ARG B 285 -0.15 14.83 11.70
N TRP B 286 -0.71 15.16 10.54
CA TRP B 286 -1.21 16.51 10.31
C TRP B 286 -2.30 16.89 11.30
N ILE B 287 -3.18 15.94 11.62
CA ILE B 287 -4.32 16.26 12.48
C ILE B 287 -3.85 16.57 13.90
N SER B 288 -2.76 15.97 14.34
CA SER B 288 -2.24 16.26 15.68
C SER B 288 -1.59 17.64 15.74
N GLN B 289 -0.79 17.98 14.73
CA GLN B 289 -0.15 19.29 14.70
C GLN B 289 -1.20 20.40 14.57
N THR B 290 -2.20 20.19 13.72
CA THR B 290 -3.22 21.22 13.52
C THR B 290 -4.06 21.41 14.78
N LEU B 291 -4.49 20.30 15.40
CA LEU B 291 -5.31 20.41 16.60
C LEU B 291 -4.54 21.01 17.76
N SER B 292 -3.23 20.76 17.85
CA SER B 292 -2.45 21.33 18.93
C SER B 292 -2.29 22.84 18.79
N LYS B 293 -2.44 23.38 17.59
CA LYS B 293 -2.39 24.82 17.38
C LYS B 293 -3.74 25.50 17.54
N HIS B 294 -4.81 24.75 17.76
CA HIS B 294 -6.16 25.30 17.94
C HIS B 294 -6.89 24.54 19.03
N LEU B 295 -6.26 24.41 20.20
CA LEU B 295 -6.83 23.66 21.30
C LEU B 295 -8.09 24.31 21.87
N SER B 296 -8.25 25.63 21.68
CA SER B 296 -9.41 26.32 22.24
C SER B 296 -10.71 25.86 21.58
N VAL B 297 -10.67 25.55 20.29
CA VAL B 297 -11.87 25.14 19.55
C VAL B 297 -11.98 23.64 19.40
N ALA B 298 -11.08 22.87 20.02
CA ALA B 298 -11.09 21.42 19.83
C ALA B 298 -12.35 20.78 20.38
N ASN B 299 -12.92 21.34 21.46
CA ASN B 299 -14.16 20.82 22.02
C ASN B 299 -15.35 20.97 21.07
N LEU B 300 -15.23 21.78 20.02
CA LEU B 300 -16.31 22.00 19.06
C LEU B 300 -16.13 21.19 17.78
N LEU B 301 -15.33 20.14 17.81
CA LEU B 301 -15.00 19.36 16.61
C LEU B 301 -15.43 17.92 16.82
N HIS B 302 -16.35 17.46 15.98
CA HIS B 302 -16.71 16.06 15.87
C HIS B 302 -16.23 15.57 14.50
N PHE B 303 -15.44 14.51 14.50
CA PHE B 303 -14.93 13.92 13.26
C PHE B 303 -15.80 12.72 12.91
N GLU B 304 -16.53 12.81 11.81
CA GLU B 304 -17.46 11.76 11.40
C GLU B 304 -16.70 10.76 10.53
N ILE B 305 -16.48 9.57 11.07
CA ILE B 305 -15.66 8.54 10.44
C ILE B 305 -16.59 7.47 9.89
N PRO B 306 -16.42 7.07 8.62
CA PRO B 306 -17.28 6.02 8.07
C PRO B 306 -17.08 4.70 8.80
N GLU B 307 -18.16 3.94 8.92
CA GLU B 307 -18.09 2.65 9.58
C GLU B 307 -17.11 1.71 8.88
N GLY B 308 -16.96 1.85 7.56
CA GLY B 308 -16.01 1.03 6.84
C GLY B 308 -14.58 1.19 7.33
N CYS B 309 -14.25 2.36 7.86
CA CYS B 309 -12.92 2.57 8.45
C CYS B 309 -12.71 1.65 9.65
N PHE B 310 -13.69 1.60 10.55
CA PHE B 310 -13.51 0.84 11.79
C PHE B 310 -13.39 -0.65 11.53
N VAL B 311 -14.08 -1.18 10.52
CA VAL B 311 -14.07 -2.62 10.30
C VAL B 311 -13.00 -3.05 9.28
N ASN B 312 -12.63 -2.18 8.35
CA ASN B 312 -11.64 -2.53 7.34
C ASN B 312 -10.26 -1.97 7.63
N GLU B 313 -10.17 -0.84 8.32
CA GLU B 313 -8.90 -0.18 8.63
C GLU B 313 -8.85 0.18 10.11
N PRO B 314 -8.95 -0.81 11.00
CA PRO B 314 -9.08 -0.47 12.43
C PRO B 314 -7.82 0.12 13.04
N HIS B 315 -6.64 -0.27 12.58
CA HIS B 315 -5.41 0.22 13.17
C HIS B 315 -5.12 1.67 12.79
N TYR B 316 -5.30 2.01 11.51
CA TYR B 316 -5.22 3.42 11.12
C TYR B 316 -6.27 4.25 11.85
N THR B 317 -7.49 3.74 11.95
CA THR B 317 -8.56 4.48 12.59
C THR B 317 -8.29 4.69 14.07
N ALA B 318 -7.71 3.69 14.73
CA ALA B 318 -7.38 3.84 16.15
C ALA B 318 -6.31 4.89 16.36
N LEU B 319 -5.33 4.96 15.45
CA LEU B 319 -4.32 6.01 15.52
C LEU B 319 -4.94 7.38 15.29
N PHE B 320 -5.87 7.48 14.34
CA PHE B 320 -6.55 8.74 14.09
C PHE B 320 -7.46 9.12 15.26
N CYS B 321 -8.21 8.15 15.80
CA CYS B 321 -9.12 8.44 16.90
C CYS B 321 -8.37 8.86 18.16
N ASN B 322 -7.24 8.23 18.43
CA ASN B 322 -6.43 8.61 19.59
C ASN B 322 -5.87 10.01 19.42
N ALA B 323 -5.35 10.33 18.24
CA ALA B 323 -4.81 11.66 18.00
C ALA B 323 -5.90 12.72 18.12
N VAL B 324 -7.12 12.40 17.68
CA VAL B 324 -8.21 13.37 17.76
C VAL B 324 -8.62 13.61 19.22
N ARG B 325 -8.76 12.53 20.00
CA ARG B 325 -9.21 12.69 21.38
C ARG B 325 -8.09 13.20 22.29
N ASN B 326 -6.84 12.88 21.97
CA ASN B 326 -5.73 13.40 22.76
C ASN B 326 -5.68 14.92 22.75
N ALA B 327 -6.18 15.54 21.69
CA ALA B 327 -6.15 16.98 21.54
C ALA B 327 -7.43 17.66 22.00
N GLY B 328 -8.35 16.91 22.62
CA GLY B 328 -9.56 17.51 23.12
C GLY B 328 -10.73 17.53 22.14
N ALA B 329 -10.64 16.79 21.06
CA ALA B 329 -11.75 16.65 20.13
C ALA B 329 -12.42 15.29 20.35
N ASP B 330 -13.35 14.94 19.47
CA ASP B 330 -14.06 13.67 19.57
C ASP B 330 -14.46 13.22 18.18
N PHE B 331 -15.05 12.02 18.10
CA PHE B 331 -15.39 11.44 16.81
C PHE B 331 -16.68 10.65 16.94
N GLY B 332 -17.30 10.38 15.79
CA GLY B 332 -18.47 9.54 15.71
C GLY B 332 -18.39 8.63 14.51
N VAL B 333 -19.37 7.74 14.40
CA VAL B 333 -19.42 6.73 13.33
C VAL B 333 -20.48 7.15 12.33
N ASP B 334 -20.08 7.18 11.05
CA ASP B 334 -20.99 7.45 9.95
C ASP B 334 -21.40 6.15 9.29
N ASN B 335 -22.56 6.17 8.64
CA ASN B 335 -23.14 4.99 8.00
C ASN B 335 -23.30 3.84 9.00
N TYR B 336 -23.68 4.18 10.22
CA TYR B 336 -23.79 3.18 11.28
C TYR B 336 -24.85 2.14 10.93
N GLY B 337 -24.48 0.87 11.01
CA GLY B 337 -25.39 -0.22 10.75
C GLY B 337 -25.32 -0.80 9.36
N ARG B 338 -24.53 -0.21 8.46
CA ARG B 338 -24.42 -0.77 7.11
C ARG B 338 -23.71 -2.12 7.13
N ASN B 339 -22.73 -2.28 8.02
CA ASN B 339 -22.09 -3.58 8.26
C ASN B 339 -22.53 -4.11 9.62
N PHE B 340 -23.80 -4.53 9.68
CA PHE B 340 -24.38 -4.97 10.94
C PHE B 340 -23.70 -6.22 11.48
N GLN B 341 -23.16 -7.06 10.59
CA GLN B 341 -22.55 -8.32 11.00
C GLN B 341 -21.16 -8.15 11.61
N SER B 342 -20.61 -6.92 11.61
CA SER B 342 -19.30 -6.66 12.19
C SER B 342 -19.40 -5.36 12.99
N LEU B 343 -20.04 -5.45 14.16
CA LEU B 343 -20.38 -4.28 14.96
C LEU B 343 -19.91 -4.43 16.40
N ASP B 344 -18.74 -5.02 16.61
CA ASP B 344 -18.11 -5.03 17.93
C ASP B 344 -17.02 -3.98 18.05
N TYR B 345 -16.68 -3.30 16.95
CA TYR B 345 -15.73 -2.19 17.01
C TYR B 345 -16.24 -1.09 17.94
N ILE B 346 -17.56 -0.95 18.06
CA ILE B 346 -18.15 0.06 18.93
C ILE B 346 -17.67 -0.11 20.36
N ASN B 347 -17.57 -1.35 20.82
CA ASN B 347 -17.13 -1.60 22.19
C ASN B 347 -15.68 -1.18 22.39
N GLU B 348 -14.84 -1.36 21.38
CA GLU B 348 -13.44 -0.99 21.52
C GLU B 348 -13.23 0.51 21.37
N PHE B 349 -13.90 1.14 20.40
CA PHE B 349 -13.65 2.54 20.09
C PHE B 349 -14.45 3.50 20.96
N ARG B 350 -15.66 3.12 21.36
CA ARG B 350 -16.53 3.96 22.17
C ARG B 350 -16.73 5.35 21.54
N PRO B 351 -17.37 5.42 20.37
CA PRO B 351 -17.57 6.72 19.73
C PRO B 351 -18.56 7.58 20.51
N LYS B 352 -18.41 8.89 20.35
CA LYS B 352 -19.32 9.82 21.00
C LYS B 352 -20.74 9.66 20.48
N TYR B 353 -20.90 9.38 19.19
CA TYR B 353 -22.21 9.20 18.58
C TYR B 353 -22.10 8.16 17.48
N VAL B 354 -23.26 7.70 17.02
CA VAL B 354 -23.38 6.86 15.83
C VAL B 354 -24.49 7.45 14.96
N LYS B 355 -24.14 7.82 13.74
CA LYS B 355 -25.11 8.35 12.79
C LYS B 355 -25.57 7.21 11.90
N LEU B 356 -26.85 6.84 12.03
CA LEU B 356 -27.39 5.67 11.35
C LEU B 356 -27.21 5.78 9.84
N ASP B 357 -27.06 4.62 9.21
CA ASP B 357 -27.13 4.54 7.76
C ASP B 357 -28.46 5.10 7.29
N TYR B 358 -28.43 6.01 6.30
CA TYR B 358 -29.67 6.59 5.81
C TYR B 358 -30.59 5.54 5.18
N LEU B 359 -30.09 4.32 4.95
CA LEU B 359 -30.93 3.21 4.54
C LEU B 359 -31.90 2.76 5.64
N PHE B 360 -31.78 3.30 6.84
CA PHE B 360 -32.73 2.97 7.91
C PHE B 360 -33.92 3.91 7.93
N THR B 361 -33.75 5.15 7.46
CA THR B 361 -34.88 6.07 7.37
C THR B 361 -35.67 5.85 6.08
N HIS B 362 -35.00 5.89 4.93
CA HIS B 362 -35.58 5.48 3.67
C HIS B 362 -35.35 4.00 3.47
N HIS B 363 -35.99 3.44 2.44
CA HIS B 363 -35.79 2.06 2.00
C HIS B 363 -35.74 1.10 3.19
N LEU B 364 -36.74 1.20 4.08
CA LEU B 364 -36.72 0.34 5.26
C LEU B 364 -38.17 0.02 5.66
N ASP B 365 -38.77 -0.93 4.94
CA ASP B 365 -40.03 -1.55 5.38
C ASP B 365 -40.00 -3.07 5.29
N ASP B 366 -39.04 -3.66 4.59
CA ASP B 366 -38.81 -5.10 4.69
C ASP B 366 -38.44 -5.43 6.13
N GLU B 367 -39.09 -6.45 6.68
CA GLU B 367 -39.13 -6.60 8.13
C GLU B 367 -37.77 -6.96 8.72
N ARG B 368 -36.99 -7.79 8.02
CA ARG B 368 -35.71 -8.23 8.57
C ARG B 368 -34.78 -7.05 8.86
N GLN B 369 -34.85 -5.99 8.04
CA GLN B 369 -34.04 -4.81 8.29
C GLN B 369 -34.54 -4.02 9.49
N LYS B 370 -35.85 -4.10 9.78
CA LYS B 370 -36.40 -3.36 10.90
C LYS B 370 -35.92 -3.91 12.24
N PHE B 371 -35.62 -5.21 12.31
CA PHE B 371 -35.08 -5.77 13.55
C PHE B 371 -33.63 -5.34 13.77
N THR B 372 -32.84 -5.28 12.70
CA THR B 372 -31.46 -4.84 12.83
C THR B 372 -31.38 -3.44 13.40
N LEU B 373 -32.30 -2.56 12.99
CA LEU B 373 -32.30 -1.18 13.50
C LEU B 373 -32.52 -1.15 15.01
N THR B 374 -33.42 -2.01 15.51
CA THR B 374 -33.68 -2.04 16.95
C THR B 374 -32.47 -2.56 17.72
N SER B 375 -31.82 -3.60 17.21
CA SER B 375 -30.73 -4.22 17.93
C SER B 375 -29.52 -3.31 18.01
N ILE B 376 -29.13 -2.72 16.87
CA ILE B 376 -27.96 -1.83 16.88
C ILE B 376 -28.25 -0.54 17.65
N SER B 377 -29.53 -0.18 17.79
CA SER B 377 -29.86 0.97 18.63
C SER B 377 -29.70 0.65 20.10
N ARG B 378 -30.10 -0.56 20.51
CA ARG B 378 -29.91 -0.96 21.91
C ARG B 378 -28.45 -1.03 22.27
N THR B 379 -27.63 -1.60 21.37
CA THR B 379 -26.19 -1.69 21.63
C THR B 379 -25.59 -0.31 21.88
N ALA B 380 -25.98 0.68 21.09
CA ALA B 380 -25.42 2.02 21.24
C ALA B 380 -25.90 2.68 22.52
N HIS B 381 -27.20 2.56 22.83
CA HIS B 381 -27.73 3.22 24.03
C HIS B 381 -27.21 2.55 25.29
N ASN B 382 -27.11 1.22 25.31
CA ASN B 382 -26.58 0.53 26.48
C ASN B 382 -25.15 0.95 26.77
N LEU B 383 -24.38 1.27 25.72
CA LEU B 383 -23.02 1.77 25.88
C LEU B 383 -22.97 3.28 26.10
N GLY B 384 -24.13 3.93 26.24
CA GLY B 384 -24.15 5.36 26.45
C GLY B 384 -23.75 6.17 25.23
N ILE B 385 -24.02 5.67 24.03
CA ILE B 385 -23.63 6.30 22.78
C ILE B 385 -24.87 6.89 22.12
N THR B 386 -24.76 8.15 21.70
CA THR B 386 -25.89 8.85 21.10
C THR B 386 -26.20 8.28 19.72
N THR B 387 -27.47 8.02 19.45
CA THR B 387 -27.93 7.54 18.16
C THR B 387 -28.54 8.70 17.37
N ILE B 388 -28.17 8.81 16.10
CA ILE B 388 -28.62 9.88 15.23
C ILE B 388 -29.18 9.27 13.96
N ALA B 389 -30.45 9.57 13.67
CA ALA B 389 -31.03 9.19 12.39
C ALA B 389 -30.59 10.17 11.31
N SER B 390 -30.49 9.67 10.09
CA SER B 390 -29.84 10.39 9.00
C SER B 390 -30.80 10.65 7.86
N ARG B 391 -30.75 11.87 7.31
CA ARG B 391 -31.45 12.23 6.09
C ARG B 391 -32.97 12.09 6.22
N VAL B 392 -33.49 12.50 7.38
CA VAL B 392 -34.93 12.37 7.65
C VAL B 392 -35.67 13.49 6.93
N GLU B 393 -36.63 13.10 6.08
CA GLU B 393 -37.36 14.05 5.24
C GLU B 393 -38.80 14.26 5.65
N THR B 394 -39.46 13.27 6.23
CA THR B 394 -40.89 13.33 6.49
C THR B 394 -41.17 13.12 7.98
N GLN B 395 -42.34 13.60 8.40
CA GLN B 395 -42.82 13.33 9.75
C GLN B 395 -43.14 11.84 9.92
N THR B 396 -43.59 11.17 8.86
CA THR B 396 -43.84 9.74 8.92
C THR B 396 -42.58 8.98 9.30
N GLN B 397 -41.46 9.30 8.65
CA GLN B 397 -40.17 8.73 9.03
C GLN B 397 -39.79 9.15 10.45
N LEU B 398 -40.01 10.42 10.78
CA LEU B 398 -39.63 10.94 12.09
C LEU B 398 -40.37 10.21 13.21
N ASP B 399 -41.67 9.99 13.04
CA ASP B 399 -42.43 9.23 14.04
C ASP B 399 -41.94 7.79 14.11
N PHE B 400 -41.62 7.20 12.96
CA PHE B 400 -41.24 5.79 12.92
C PHE B 400 -39.87 5.56 13.57
N LEU B 401 -38.93 6.49 13.38
CA LEU B 401 -37.63 6.36 14.02
C LEU B 401 -37.73 6.54 15.52
N SER B 402 -38.69 7.34 15.99
CA SER B 402 -38.91 7.47 17.43
C SER B 402 -39.38 6.15 18.04
N GLU B 403 -40.10 5.32 17.27
CA GLU B 403 -40.52 4.01 17.74
C GLU B 403 -39.34 3.06 17.95
N HIS B 404 -38.15 3.42 17.46
CA HIS B 404 -36.92 2.70 17.76
C HIS B 404 -36.02 3.50 18.70
N PHE B 405 -36.64 4.34 19.53
CA PHE B 405 -36.00 5.15 20.57
C PHE B 405 -34.68 5.78 20.09
N ILE B 406 -34.76 6.45 18.95
CA ILE B 406 -33.62 7.20 18.44
C ILE B 406 -33.57 8.57 19.13
N GLU B 407 -32.39 8.96 19.59
CA GLU B 407 -32.27 10.16 20.42
C GLU B 407 -32.43 11.42 19.59
N VAL B 408 -31.55 11.62 18.59
CA VAL B 408 -31.53 12.85 17.81
C VAL B 408 -31.69 12.52 16.33
N PHE B 409 -32.16 13.52 15.58
CA PHE B 409 -32.53 13.34 14.18
C PHE B 409 -31.89 14.42 13.33
N GLN B 410 -31.63 14.09 12.07
CA GLN B 410 -31.00 15.00 11.12
C GLN B 410 -31.63 14.79 9.74
N GLY B 411 -31.86 15.88 9.03
CA GLY B 411 -32.40 15.81 7.70
C GLY B 411 -33.13 17.09 7.34
N PHE B 412 -33.75 17.07 6.16
CA PHE B 412 -34.48 18.24 5.68
C PHE B 412 -35.67 18.58 6.56
N ILE B 413 -36.24 17.59 7.25
CA ILE B 413 -37.45 17.85 8.04
C ILE B 413 -37.10 18.53 9.36
N VAL B 414 -35.88 18.35 9.86
CA VAL B 414 -35.46 19.03 11.09
C VAL B 414 -34.73 20.33 10.77
N ASP B 415 -34.01 20.38 9.65
CA ASP B 415 -33.21 21.53 9.25
C ASP B 415 -32.61 21.24 7.88
#